data_9QAN
#
_entry.id   9QAN
#
_cell.length_a   56.742
_cell.length_b   85.685
_cell.length_c   134.509
_cell.angle_alpha   90
_cell.angle_beta   90
_cell.angle_gamma   90
#
_symmetry.space_group_name_H-M   'P 21 21 21'
#
loop_
_entity.id
_entity.type
_entity.pdbx_description
1 polymer 'Angiotensin-converting enzyme'
2 branched alpha-D-mannopyranose-(1-3)-beta-D-mannopyranose-(1-4)-2-acetamido-2-deoxy-beta-D-glucopyranose-(1-4)-[alpha-L-fucopyranose-(1-6)]2-acetamido-2-deoxy-beta-D-glucopyranose
3 non-polymer 2-acetamido-2-deoxy-beta-D-glucopyranose
4 non-polymer IMIDAZOLE
5 non-polymer 1,2-ETHANEDIOL
6 non-polymer Ramiprilat
7 non-polymer 'TRIETHYLENE GLYCOL'
8 non-polymer 'BORIC ACID'
9 non-polymer 'CHLORIDE ION'
10 non-polymer 'ZINC ION'
11 water water
#
_entity_poly.entity_id   1
_entity_poly.type   'polypeptide(L)'
_entity_poly.pdbx_seq_one_letter_code
;LVTDEAEASKFVEEYDRTSQVVWNEYAGANWNYNTNITTETSKILLQKNMQIAQHTLKYGTQARKFDVNQLQNTTIKRII
KKVQDLERAALPAQELEEYNKILLDMETTYSVATVCHPQGSCLQLEPDLTNVMATSRKYEDLLWAWEGWRDKAGRAILQF
YPKYVELINQAARLNGYVDAGDSWRSMYETPSLEQDLERLFQELQPLYLNLHAYVRRALHRHYGAQHINLEGPIPAHLLG
NMWAQTWSNIYDLVVPFPSAPSMDTTEAMLKQGWTPRRMFKEADDFFTSLGLLPVPPEFWQKSMLEKPTDGREVVCHASA
WDFYNGKDFRIKQCTTVNLEDLVVAHHEMGHIQYFMQYKDLPVALREGANPGFHEAIGDVLALSVSTPKHLHSLNLLSSE
GGSDEHDINFLMKMALDKIAFIPFSYLVDQWRWRVFDGSITKENYNQEWWSLRLKYQGL(CSO)PPVPRTQGDFDPGAKF
HIPSSVPYIRYFVSFIIQFQFHEALCQAAGHTGPLHKCDIYQSKEAGQRLATAMKLGFSRPWPEAMQLITGQPQMSASAM
LSYFKPLLDWLRTENELHGEKLGWPQYNWTPNSARSEGPLP
;
_entity_poly.pdbx_strand_id   A
#
loop_
_chem_comp.id
_chem_comp.type
_chem_comp.name
_chem_comp.formula
BMA D-saccharide, beta linking beta-D-mannopyranose 'C6 H12 O6'
BO3 non-polymer 'BORIC ACID' 'B H3 O3'
CL non-polymer 'CHLORIDE ION' 'Cl -1'
EDO non-polymer 1,2-ETHANEDIOL 'C2 H6 O2'
FUC L-saccharide, alpha linking alpha-L-fucopyranose 'C6 H12 O5'
IMD non-polymer IMIDAZOLE 'C3 H5 N2 1'
MAN D-saccharide, alpha linking alpha-D-mannopyranose 'C6 H12 O6'
NAG D-saccharide, beta linking 2-acetamido-2-deoxy-beta-D-glucopyranose 'C8 H15 N O6'
PGE non-polymer 'TRIETHYLENE GLYCOL' 'C6 H14 O4'
X92 non-polymer Ramiprilat 'C21 H28 N2 O5'
ZN non-polymer 'ZINC ION' 'Zn 2'
#
# COMPACT_ATOMS: atom_id res chain seq x y z
N ASP A 4 -33.83 5.32 -25.69
CA ASP A 4 -32.69 6.06 -25.09
C ASP A 4 -32.17 5.32 -23.86
N GLU A 5 -33.01 5.14 -22.84
CA GLU A 5 -32.67 4.37 -21.65
C GLU A 5 -32.37 2.92 -22.03
N ALA A 6 -33.01 2.44 -23.10
CA ALA A 6 -32.88 1.06 -23.46
C ALA A 6 -31.59 0.87 -24.26
N GLU A 7 -31.21 1.82 -25.11
CA GLU A 7 -29.92 1.79 -25.79
C GLU A 7 -28.79 1.83 -24.75
N ALA A 8 -28.99 2.57 -23.67
CA ALA A 8 -27.95 2.67 -22.65
C ALA A 8 -27.77 1.36 -21.88
N SER A 9 -28.87 0.70 -21.54
CA SER A 9 -28.89 -0.55 -20.82
C SER A 9 -28.24 -1.61 -21.71
N LYS A 10 -28.59 -1.59 -23.00
CA LYS A 10 -27.99 -2.55 -23.93
C LYS A 10 -26.47 -2.37 -24.03
N PHE A 11 -26.01 -1.10 -24.08
CA PHE A 11 -24.60 -0.83 -24.21
C PHE A 11 -23.86 -1.36 -23.01
N VAL A 12 -24.40 -1.14 -21.81
CA VAL A 12 -23.67 -1.58 -20.64
C VAL A 12 -23.64 -3.11 -20.53
N GLU A 13 -24.69 -3.82 -21.02
CA GLU A 13 -24.68 -5.27 -21.06
C GLU A 13 -23.59 -5.75 -22.02
N GLU A 14 -23.46 -5.12 -23.21
CA GLU A 14 -22.47 -5.49 -24.19
C GLU A 14 -21.07 -5.22 -23.67
N TYR A 15 -20.95 -4.06 -22.99
CA TYR A 15 -19.63 -3.74 -22.44
C TYR A 15 -19.23 -4.78 -21.42
N ASP A 16 -20.18 -5.20 -20.60
CA ASP A 16 -19.86 -6.10 -19.51
C ASP A 16 -19.37 -7.46 -20.05
N ARG A 17 -20.13 -8.04 -21.00
CA ARG A 17 -19.79 -9.37 -21.52
C ARG A 17 -18.45 -9.38 -22.22
N THR A 18 -18.20 -8.37 -23.02
CA THR A 18 -17.01 -8.26 -23.85
C THR A 18 -15.78 -7.91 -22.99
N SER A 19 -15.97 -7.03 -22.00
CA SER A 19 -14.83 -6.68 -21.15
C SER A 19 -14.34 -7.87 -20.33
N GLN A 20 -15.26 -8.71 -19.86
CA GLN A 20 -14.88 -9.89 -19.07
C GLN A 20 -13.86 -10.74 -19.79
N VAL A 21 -14.15 -10.94 -21.06
CA VAL A 21 -13.29 -11.76 -21.90
C VAL A 21 -11.93 -11.12 -22.12
N VAL A 22 -11.90 -9.86 -22.60
CA VAL A 22 -10.67 -9.17 -22.92
C VAL A 22 -9.83 -8.98 -21.65
N TRP A 23 -10.47 -8.57 -20.56
CA TRP A 23 -9.71 -8.29 -19.36
C TRP A 23 -9.11 -9.56 -18.78
N ASN A 24 -9.83 -10.66 -18.90
CA ASN A 24 -9.32 -11.95 -18.49
C ASN A 24 -8.06 -12.34 -19.26
N GLU A 25 -8.10 -12.18 -20.59
CA GLU A 25 -6.93 -12.39 -21.43
C GLU A 25 -5.75 -11.50 -21.05
N TYR A 26 -5.99 -10.23 -20.82
CA TYR A 26 -4.95 -9.28 -20.47
C TYR A 26 -4.30 -9.69 -19.16
N ALA A 27 -5.16 -10.00 -18.19
CA ALA A 27 -4.67 -10.35 -16.84
C ALA A 27 -3.75 -11.56 -16.94
N GLY A 28 -4.18 -12.59 -17.69
CA GLY A 28 -3.38 -13.76 -17.94
C GLY A 28 -1.98 -13.43 -18.46
N ALA A 29 -1.90 -12.57 -19.51
CA ALA A 29 -0.62 -12.21 -20.08
C ALA A 29 0.23 -11.41 -19.09
N ASN A 30 -0.43 -10.56 -18.30
CA ASN A 30 0.29 -9.75 -17.35
C ASN A 30 0.87 -10.64 -16.27
N TRP A 31 0.06 -11.55 -15.76
CA TRP A 31 0.52 -12.56 -14.82
C TRP A 31 1.72 -13.34 -15.34
N ASN A 32 1.60 -13.86 -16.57
CA ASN A 32 2.64 -14.69 -17.14
C ASN A 32 3.97 -13.97 -17.29
N TYR A 33 3.94 -12.64 -17.53
CA TYR A 33 5.15 -11.83 -17.52
C TYR A 33 5.65 -11.57 -16.11
N ASN A 34 4.72 -11.25 -15.18
CA ASN A 34 5.16 -10.91 -13.83
C ASN A 34 5.72 -12.14 -13.12
N THR A 35 5.30 -13.36 -13.48
CA THR A 35 5.81 -14.58 -12.87
C THR A 35 6.87 -15.27 -13.76
N ASN A 36 7.37 -14.61 -14.80
CA ASN A 36 8.32 -15.26 -15.72
C ASN A 36 8.79 -14.24 -16.76
N ILE A 37 9.63 -13.33 -16.30
CA ILE A 37 10.06 -12.23 -17.13
C ILE A 37 10.99 -12.76 -18.21
N THR A 38 10.52 -12.78 -19.48
CA THR A 38 11.31 -13.22 -20.62
C THR A 38 10.96 -12.33 -21.82
N THR A 39 11.78 -12.41 -22.88
CA THR A 39 11.49 -11.66 -24.11
C THR A 39 10.15 -12.13 -24.68
N GLU A 40 9.88 -13.42 -24.58
CA GLU A 40 8.62 -13.92 -25.07
C GLU A 40 7.39 -13.40 -24.29
N THR A 41 7.34 -13.63 -22.97
CA THR A 41 6.15 -13.21 -22.25
C THR A 41 6.02 -11.68 -22.36
N SER A 42 7.13 -10.97 -22.53
CA SER A 42 7.11 -9.53 -22.69
C SER A 42 6.40 -9.14 -23.99
N LYS A 43 6.70 -9.91 -25.04
CA LYS A 43 6.14 -9.65 -26.36
C LYS A 43 4.62 -9.83 -26.32
N ILE A 44 4.16 -11.00 -25.84
CA ILE A 44 2.74 -11.34 -25.77
C ILE A 44 1.98 -10.31 -24.96
N LEU A 45 2.62 -9.80 -23.91
CA LEU A 45 2.01 -8.82 -23.03
C LEU A 45 1.84 -7.51 -23.80
N LEU A 46 2.88 -7.02 -24.48
CA LEU A 46 2.82 -5.74 -25.21
C LEU A 46 1.75 -5.83 -26.30
N GLN A 47 1.53 -7.03 -26.83
CA GLN A 47 0.41 -7.31 -27.73
C GLN A 47 -0.99 -7.42 -27.09
N LYS A 48 -1.13 -8.02 -25.92
CA LYS A 48 -2.44 -8.03 -25.29
C LYS A 48 -2.76 -6.57 -24.94
N ASN A 49 -1.72 -5.78 -24.76
CA ASN A 49 -1.88 -4.35 -24.51
C ASN A 49 -2.65 -3.68 -25.65
N MET A 50 -2.29 -4.03 -26.88
CA MET A 50 -3.01 -3.54 -28.04
C MET A 50 -4.43 -4.08 -28.05
N GLN A 51 -4.68 -5.36 -27.73
CA GLN A 51 -6.03 -5.89 -27.78
C GLN A 51 -6.93 -5.10 -26.80
N ILE A 52 -6.47 -4.89 -25.58
CA ILE A 52 -7.35 -4.26 -24.60
C ILE A 52 -7.55 -2.79 -24.96
N ALA A 53 -6.54 -2.15 -25.51
CA ALA A 53 -6.67 -0.76 -25.90
C ALA A 53 -7.72 -0.63 -27.02
N GLN A 54 -7.72 -1.59 -27.97
CA GLN A 54 -8.71 -1.51 -29.03
C GLN A 54 -10.12 -1.67 -28.46
N HIS A 55 -10.29 -2.58 -27.50
CA HIS A 55 -11.59 -2.76 -26.85
C HIS A 55 -11.97 -1.44 -26.16
N THR A 56 -11.03 -0.91 -25.36
CA THR A 56 -11.32 0.28 -24.57
C THR A 56 -11.72 1.46 -25.46
N LEU A 57 -10.97 1.63 -26.56
CA LEU A 57 -11.28 2.69 -27.50
C LEU A 57 -12.66 2.52 -28.14
N LYS A 58 -12.99 1.28 -28.55
CA LYS A 58 -14.28 1.02 -29.16
C LYS A 58 -15.42 1.34 -28.22
N TYR A 59 -15.39 0.80 -26.99
CA TYR A 59 -16.46 0.99 -26.04
C TYR A 59 -16.47 2.42 -25.50
N GLY A 60 -15.28 2.94 -25.20
CA GLY A 60 -15.16 4.30 -24.69
C GLY A 60 -15.70 5.35 -25.67
N THR A 61 -15.35 5.20 -26.95
CA THR A 61 -15.87 6.10 -27.99
C THR A 61 -17.40 6.06 -28.00
N GLN A 62 -17.98 4.86 -27.90
CA GLN A 62 -19.42 4.69 -27.88
C GLN A 62 -20.01 5.34 -26.62
N ALA A 63 -19.36 5.12 -25.46
CA ALA A 63 -19.88 5.64 -24.20
C ALA A 63 -19.95 7.17 -24.24
N ARG A 64 -19.01 7.80 -24.92
CA ARG A 64 -18.97 9.25 -25.00
C ARG A 64 -20.14 9.84 -25.84
N LYS A 65 -20.76 9.01 -26.67
CA LYS A 65 -21.86 9.48 -27.51
C LYS A 65 -23.14 9.60 -26.69
N PHE A 66 -23.16 9.02 -25.49
CA PHE A 66 -24.30 9.14 -24.61
C PHE A 66 -24.14 10.44 -23.86
N ASP A 67 -25.26 11.18 -23.73
CA ASP A 67 -25.32 12.32 -22.82
C ASP A 67 -25.74 11.80 -21.47
N VAL A 68 -24.80 11.66 -20.54
CA VAL A 68 -25.13 11.11 -19.24
C VAL A 68 -26.05 12.04 -18.47
N ASN A 69 -26.10 13.32 -18.88
CA ASN A 69 -27.08 14.23 -18.26
C ASN A 69 -28.48 13.66 -18.48
N GLN A 70 -28.79 13.13 -19.66
CA GLN A 70 -30.16 12.72 -20.01
C GLN A 70 -30.52 11.35 -19.43
N LEU A 71 -29.59 10.63 -18.80
CA LEU A 71 -29.86 9.27 -18.37
C LEU A 71 -30.50 9.26 -16.99
N GLN A 72 -31.55 8.46 -16.91
CA GLN A 72 -32.38 8.33 -15.72
C GLN A 72 -31.77 7.39 -14.71
N ASN A 73 -31.46 6.18 -15.17
CA ASN A 73 -31.04 5.12 -14.25
C ASN A 73 -29.66 5.48 -13.71
N THR A 74 -29.52 5.50 -12.37
CA THR A 74 -28.27 6.03 -11.84
C THR A 74 -27.15 4.99 -11.97
N THR A 75 -27.47 3.68 -12.01
CA THR A 75 -26.42 2.63 -12.11
C THR A 75 -25.84 2.68 -13.51
N ILE A 76 -26.71 2.77 -14.52
CA ILE A 76 -26.30 2.86 -15.89
C ILE A 76 -25.56 4.18 -16.16
N LYS A 77 -26.03 5.31 -15.62
CA LYS A 77 -25.33 6.57 -15.77
C LYS A 77 -23.88 6.45 -15.25
N ARG A 78 -23.73 5.86 -14.10
CA ARG A 78 -22.42 5.73 -13.48
C ARG A 78 -21.42 4.87 -14.25
N ILE A 79 -21.91 3.72 -14.74
CA ILE A 79 -21.10 2.85 -15.58
C ILE A 79 -20.66 3.60 -16.82
N ILE A 80 -21.62 4.21 -17.53
CA ILE A 80 -21.28 4.90 -18.74
C ILE A 80 -20.27 6.03 -18.48
N LYS A 81 -20.47 6.82 -17.44
CA LYS A 81 -19.54 7.90 -17.13
C LYS A 81 -18.13 7.34 -16.99
N LYS A 82 -18.02 6.22 -16.29
CA LYS A 82 -16.72 5.61 -16.07
C LYS A 82 -16.09 5.10 -17.35
N VAL A 83 -16.89 4.47 -18.22
CA VAL A 83 -16.36 3.93 -19.47
C VAL A 83 -15.90 5.04 -20.43
N GLN A 84 -16.42 6.25 -20.26
CA GLN A 84 -16.00 7.41 -21.05
C GLN A 84 -14.54 7.77 -20.83
N ASP A 85 -13.98 7.29 -19.70
CA ASP A 85 -12.57 7.46 -19.42
C ASP A 85 -11.77 6.29 -20.00
N LEU A 86 -11.02 6.57 -21.05
CA LEU A 86 -10.28 5.61 -21.85
C LEU A 86 -8.93 5.32 -21.19
N GLU A 87 -8.48 6.16 -20.24
CA GLU A 87 -7.14 6.05 -19.67
C GLU A 87 -6.14 6.08 -20.83
N ARG A 88 -5.14 5.18 -20.81
CA ARG A 88 -4.08 5.31 -21.80
C ARG A 88 -4.57 5.05 -23.23
N ALA A 89 -5.72 4.39 -23.37
CA ALA A 89 -6.25 4.08 -24.71
C ALA A 89 -6.74 5.34 -25.43
N ALA A 90 -6.69 6.50 -24.76
CA ALA A 90 -7.00 7.76 -25.42
C ALA A 90 -5.81 8.23 -26.24
N LEU A 91 -4.61 7.71 -25.96
CA LEU A 91 -3.43 8.18 -26.64
C LEU A 91 -3.51 7.81 -28.13
N PRO A 92 -2.87 8.61 -29.02
CA PRO A 92 -2.58 8.17 -30.39
C PRO A 92 -1.72 6.91 -30.36
N ALA A 93 -1.79 6.08 -31.40
CA ALA A 93 -1.09 4.81 -31.42
C ALA A 93 0.41 4.87 -31.06
N GLN A 94 1.15 5.76 -31.70
CA GLN A 94 2.58 5.86 -31.46
C GLN A 94 2.85 6.12 -29.97
N GLU A 95 2.20 7.15 -29.41
CA GLU A 95 2.29 7.51 -27.99
C GLU A 95 1.87 6.35 -27.08
N LEU A 96 0.81 5.63 -27.44
CA LEU A 96 0.38 4.48 -26.64
C LEU A 96 1.45 3.39 -26.62
N GLU A 97 1.99 3.06 -27.80
CA GLU A 97 3.06 2.06 -27.84
C GLU A 97 4.28 2.50 -26.99
N GLU A 98 4.64 3.76 -27.11
CA GLU A 98 5.78 4.33 -26.38
C GLU A 98 5.52 4.23 -24.86
N TYR A 99 4.29 4.57 -24.48
CA TYR A 99 3.93 4.57 -23.06
C TYR A 99 3.97 3.16 -22.49
N ASN A 100 3.34 2.18 -23.16
CA ASN A 100 3.33 0.80 -22.71
C ASN A 100 4.75 0.34 -22.53
N LYS A 101 5.62 0.68 -23.48
CA LYS A 101 7.00 0.22 -23.42
C LYS A 101 7.72 0.88 -22.22
N ILE A 102 7.54 2.16 -21.98
N ILE A 102 7.42 2.16 -22.03
CA ILE A 102 8.22 2.76 -20.83
CA ILE A 102 7.99 2.97 -20.94
C ILE A 102 7.71 2.07 -19.54
C ILE A 102 7.67 2.34 -19.58
N LEU A 103 6.41 1.91 -19.43
CA LEU A 103 5.90 1.23 -18.22
C LEU A 103 6.56 -0.13 -18.02
N LEU A 104 6.64 -0.93 -19.08
CA LEU A 104 7.29 -2.21 -18.95
C LEU A 104 8.76 -2.06 -18.57
N ASP A 105 9.43 -1.12 -19.18
CA ASP A 105 10.87 -0.95 -18.99
C ASP A 105 11.11 -0.50 -17.52
N MET A 106 10.25 0.38 -17.01
CA MET A 106 10.43 0.82 -15.62
C MET A 106 10.19 -0.32 -14.64
N GLU A 107 9.10 -1.05 -14.81
CA GLU A 107 8.79 -2.11 -13.85
C GLU A 107 9.86 -3.21 -13.90
N THR A 108 10.31 -3.54 -15.11
CA THR A 108 11.34 -4.55 -15.28
C THR A 108 12.67 -4.11 -14.65
N THR A 109 13.10 -2.89 -14.92
CA THR A 109 14.32 -2.32 -14.36
C THR A 109 14.27 -2.44 -12.84
N TYR A 110 13.16 -2.05 -12.24
CA TYR A 110 13.08 -2.12 -10.78
C TYR A 110 13.18 -3.54 -10.29
N SER A 111 12.52 -4.47 -10.98
CA SER A 111 12.29 -5.82 -10.48
C SER A 111 13.54 -6.70 -10.60
N VAL A 112 14.44 -6.33 -11.49
CA VAL A 112 15.65 -7.12 -11.72
C VAL A 112 16.91 -6.42 -11.24
N ALA A 113 16.87 -5.19 -10.68
CA ALA A 113 18.06 -4.52 -10.18
C ALA A 113 18.73 -5.28 -9.05
N THR A 114 20.07 -5.31 -9.07
CA THR A 114 20.84 -5.96 -8.01
C THR A 114 21.93 -5.02 -7.54
N VAL A 115 22.40 -5.27 -6.34
CA VAL A 115 23.50 -4.50 -5.79
C VAL A 115 24.63 -5.49 -5.44
N CYS A 116 25.83 -5.18 -5.95
CA CYS A 116 26.93 -6.15 -5.98
C CYS A 116 28.10 -5.66 -5.15
N HIS A 117 28.69 -6.57 -4.36
CA HIS A 117 30.05 -6.37 -3.82
C HIS A 117 31.06 -6.62 -4.92
N PRO A 118 32.16 -5.86 -4.95
CA PRO A 118 33.13 -5.98 -6.05
C PRO A 118 33.75 -7.37 -5.87
N GLN A 119 33.81 -8.13 -6.96
CA GLN A 119 34.16 -9.56 -6.94
C GLN A 119 33.62 -10.22 -5.67
N GLY A 120 32.32 -9.99 -5.42
CA GLY A 120 31.56 -10.67 -4.38
C GLY A 120 30.18 -10.97 -4.95
N SER A 121 29.19 -11.25 -4.10
CA SER A 121 27.88 -11.64 -4.59
C SER A 121 26.97 -10.41 -4.83
N CYS A 122 25.91 -10.65 -5.62
CA CYS A 122 24.96 -9.61 -6.02
C CYS A 122 23.66 -9.83 -5.24
N LEU A 123 23.10 -8.80 -4.61
CA LEU A 123 21.92 -8.97 -3.77
C LEU A 123 20.72 -8.35 -4.52
N GLN A 124 19.58 -9.05 -4.47
CA GLN A 124 18.30 -8.55 -4.94
C GLN A 124 17.63 -7.84 -3.76
N LEU A 125 16.63 -7.01 -4.08
CA LEU A 125 15.85 -6.39 -2.98
C LEU A 125 15.14 -7.40 -2.08
N GLU A 126 14.40 -8.34 -2.67
CA GLU A 126 13.65 -9.36 -1.98
C GLU A 126 14.37 -10.65 -2.30
N PRO A 127 14.95 -11.36 -1.31
CA PRO A 127 14.92 -11.00 0.10
C PRO A 127 16.18 -10.28 0.60
N ASP A 128 17.24 -10.22 -0.18
CA ASP A 128 18.58 -9.99 0.38
C ASP A 128 18.72 -8.61 1.02
N LEU A 129 18.39 -7.56 0.27
CA LEU A 129 18.60 -6.20 0.78
C LEU A 129 17.57 -5.91 1.88
N THR A 130 16.33 -6.40 1.75
CA THR A 130 15.29 -6.29 2.76
C THR A 130 15.79 -6.86 4.09
N ASN A 131 16.49 -8.00 4.02
CA ASN A 131 16.98 -8.66 5.22
C ASN A 131 18.15 -7.85 5.81
N VAL A 132 19.02 -7.28 4.97
CA VAL A 132 20.09 -6.41 5.48
C VAL A 132 19.50 -5.22 6.27
N MET A 133 18.53 -4.51 5.64
CA MET A 133 17.96 -3.34 6.28
C MET A 133 17.23 -3.73 7.58
N ALA A 134 16.58 -4.92 7.64
CA ALA A 134 15.85 -5.35 8.82
C ALA A 134 16.75 -5.77 9.99
N THR A 135 17.91 -6.34 9.69
CA THR A 135 18.70 -7.07 10.69
C THR A 135 20.04 -6.43 11.03
N SER A 136 20.71 -5.74 10.08
CA SER A 136 22.00 -5.15 10.34
C SER A 136 21.86 -4.01 11.36
N ARG A 137 22.86 -3.91 12.25
CA ARG A 137 22.95 -2.86 13.25
C ARG A 137 24.31 -2.18 13.10
N LYS A 138 24.87 -2.24 11.89
CA LYS A 138 26.13 -1.57 11.60
C LYS A 138 25.92 -0.48 10.57
N TYR A 139 26.19 0.76 10.97
CA TYR A 139 25.95 1.92 10.14
C TYR A 139 26.45 1.76 8.70
N GLU A 140 27.67 1.24 8.52
CA GLU A 140 28.25 1.19 7.21
C GLU A 140 27.59 0.14 6.32
N ASP A 141 27.11 -0.97 6.90
CA ASP A 141 26.49 -2.05 6.17
C ASP A 141 25.10 -1.57 5.70
N LEU A 142 24.40 -0.92 6.61
CA LEU A 142 23.10 -0.34 6.24
C LEU A 142 23.28 0.71 5.15
N LEU A 143 24.33 1.51 5.26
CA LEU A 143 24.60 2.55 4.27
C LEU A 143 24.85 1.90 2.92
N TRP A 144 25.70 0.83 2.90
CA TRP A 144 25.98 0.15 1.64
C TRP A 144 24.70 -0.26 0.92
N ALA A 145 23.76 -0.87 1.66
CA ALA A 145 22.55 -1.37 1.05
C ALA A 145 21.66 -0.19 0.64
N TRP A 146 21.53 0.81 1.48
CA TRP A 146 20.61 1.95 1.25
C TRP A 146 21.07 2.73 0.02
N GLU A 147 22.38 3.05 -0.03
CA GLU A 147 22.90 3.79 -1.17
C GLU A 147 22.94 2.93 -2.43
N GLY A 148 23.34 1.67 -2.29
CA GLY A 148 23.53 0.82 -3.47
C GLY A 148 22.18 0.61 -4.15
N TRP A 149 21.14 0.39 -3.37
CA TRP A 149 19.81 0.24 -3.95
C TRP A 149 19.40 1.48 -4.75
N ARG A 150 19.60 2.66 -4.22
CA ARG A 150 19.26 3.90 -4.92
C ARG A 150 20.13 4.06 -6.17
N ASP A 151 21.41 3.72 -6.06
CA ASP A 151 22.29 3.84 -7.22
C ASP A 151 21.87 2.92 -8.37
N LYS A 152 21.41 1.73 -8.05
CA LYS A 152 21.14 0.75 -9.09
C LYS A 152 19.68 0.81 -9.56
N ALA A 153 18.71 0.96 -8.66
CA ALA A 153 17.31 1.00 -9.07
C ALA A 153 16.91 2.43 -9.37
N GLY A 154 17.18 3.35 -8.44
CA GLY A 154 16.68 4.68 -8.61
C GLY A 154 17.31 5.36 -9.83
N ARG A 155 18.65 5.38 -9.87
CA ARG A 155 19.29 6.08 -10.98
C ARG A 155 18.84 5.51 -12.34
N ALA A 156 18.60 4.21 -12.40
CA ALA A 156 18.23 3.56 -13.66
C ALA A 156 16.82 3.92 -14.14
N ILE A 157 15.96 4.42 -13.24
CA ILE A 157 14.61 4.79 -13.63
C ILE A 157 14.59 6.19 -14.21
N LEU A 158 15.53 7.04 -13.84
CA LEU A 158 15.54 8.42 -14.20
C LEU A 158 15.40 8.64 -15.72
N GLN A 159 16.06 7.79 -16.50
CA GLN A 159 15.98 8.00 -17.95
C GLN A 159 14.56 7.91 -18.50
N PHE A 160 13.68 7.13 -17.82
CA PHE A 160 12.31 6.96 -18.30
C PHE A 160 11.32 7.98 -17.77
N TYR A 161 11.63 8.64 -16.64
CA TYR A 161 10.54 9.18 -15.87
C TYR A 161 10.00 10.44 -16.53
N PRO A 162 10.79 11.37 -17.12
CA PRO A 162 10.18 12.52 -17.77
C PRO A 162 9.22 12.18 -18.89
N LYS A 163 9.59 11.23 -19.70
CA LYS A 163 8.72 10.75 -20.78
C LYS A 163 7.45 10.09 -20.26
N TYR A 164 7.56 9.29 -19.16
CA TYR A 164 6.38 8.77 -18.56
C TYR A 164 5.45 9.87 -18.08
N VAL A 165 5.98 10.91 -17.39
CA VAL A 165 5.15 12.00 -16.96
C VAL A 165 4.43 12.68 -18.15
N GLU A 166 5.18 12.92 -19.22
CA GLU A 166 4.56 13.56 -20.38
C GLU A 166 3.38 12.75 -20.92
N LEU A 167 3.54 11.43 -21.02
CA LEU A 167 2.56 10.57 -21.62
C LEU A 167 1.36 10.30 -20.71
N ILE A 168 1.62 10.11 -19.39
CA ILE A 168 0.50 9.86 -18.49
C ILE A 168 -0.32 11.14 -18.35
N ASN A 169 0.33 12.31 -18.37
CA ASN A 169 -0.40 13.58 -18.35
C ASN A 169 -1.19 13.80 -19.67
N GLN A 170 -0.57 13.47 -20.79
CA GLN A 170 -1.29 13.56 -22.06
C GLN A 170 -2.56 12.73 -22.07
N ALA A 171 -2.45 11.45 -21.65
CA ALA A 171 -3.61 10.59 -21.52
C ALA A 171 -4.67 11.23 -20.62
N ALA A 172 -4.28 11.75 -19.46
CA ALA A 172 -5.20 12.38 -18.56
C ALA A 172 -5.95 13.56 -19.20
N ARG A 173 -5.21 14.41 -19.89
CA ARG A 173 -5.87 15.52 -20.57
C ARG A 173 -6.88 15.07 -21.61
N LEU A 174 -6.53 13.99 -22.31
CA LEU A 174 -7.38 13.46 -23.39
C LEU A 174 -8.64 12.85 -22.81
N ASN A 175 -8.66 12.61 -21.51
CA ASN A 175 -9.83 12.11 -20.81
C ASN A 175 -10.50 13.18 -19.96
N GLY A 176 -10.12 14.46 -20.11
CA GLY A 176 -10.84 15.57 -19.53
C GLY A 176 -10.30 16.09 -18.21
N TYR A 177 -9.17 15.52 -17.78
CA TYR A 177 -8.54 15.99 -16.54
C TYR A 177 -7.47 17.03 -16.83
N VAL A 178 -6.89 17.69 -15.81
CA VAL A 178 -5.87 18.65 -16.14
C VAL A 178 -4.46 18.07 -16.13
N ASP A 179 -4.29 16.91 -15.43
CA ASP A 179 -3.04 16.20 -15.36
C ASP A 179 -3.31 14.84 -14.68
N ALA A 180 -2.30 13.98 -14.71
CA ALA A 180 -2.51 12.62 -14.18
C ALA A 180 -2.86 12.63 -12.69
N GLY A 181 -2.37 13.60 -11.92
CA GLY A 181 -2.71 13.61 -10.50
C GLY A 181 -4.17 13.97 -10.21
N ASP A 182 -4.68 14.92 -11.01
CA ASP A 182 -6.11 15.20 -11.02
C ASP A 182 -6.91 13.93 -11.33
N SER A 183 -6.50 13.16 -12.33
N SER A 183 -6.53 13.19 -12.37
CA SER A 183 -7.23 11.94 -12.68
CA SER A 183 -7.20 11.92 -12.69
C SER A 183 -7.17 10.89 -11.55
C SER A 183 -7.20 10.98 -11.47
N TRP A 184 -6.01 10.82 -10.89
CA TRP A 184 -5.90 9.89 -9.75
C TRP A 184 -6.75 10.30 -8.56
N ARG A 185 -6.68 11.57 -8.12
CA ARG A 185 -7.49 12.06 -7.04
C ARG A 185 -8.99 11.88 -7.27
N SER A 186 -9.38 11.93 -8.55
N SER A 186 -9.42 11.97 -8.52
CA SER A 186 -10.78 11.79 -8.97
CA SER A 186 -10.83 11.88 -8.83
C SER A 186 -11.40 10.46 -8.55
C SER A 186 -11.41 10.47 -8.54
N MET A 187 -10.56 9.47 -8.30
CA MET A 187 -11.06 8.14 -7.92
C MET A 187 -11.84 8.18 -6.57
N TYR A 188 -11.57 9.20 -5.72
CA TYR A 188 -12.23 9.36 -4.45
C TYR A 188 -13.60 10.09 -4.58
N GLU A 189 -13.86 10.72 -5.74
CA GLU A 189 -15.10 11.49 -5.94
C GLU A 189 -15.39 12.46 -4.78
N THR A 190 -14.31 13.05 -4.26
CA THR A 190 -14.37 13.92 -3.10
C THR A 190 -13.66 15.23 -3.37
N PRO A 191 -14.39 16.32 -3.72
CA PRO A 191 -13.69 17.57 -4.06
C PRO A 191 -12.80 18.20 -2.97
N SER A 192 -13.17 17.89 -1.73
CA SER A 192 -12.43 18.37 -0.56
C SER A 192 -11.27 17.43 -0.19
N LEU A 193 -10.93 16.45 -1.03
CA LEU A 193 -9.98 15.40 -0.63
C LEU A 193 -8.71 16.03 -0.04
N GLU A 194 -8.06 16.97 -0.74
CA GLU A 194 -6.76 17.47 -0.31
C GLU A 194 -6.84 18.05 1.09
N GLN A 195 -7.93 18.82 1.29
N GLN A 195 -7.83 18.89 1.40
CA GLN A 195 -8.12 19.51 2.54
CA GLN A 195 -7.85 19.46 2.73
C GLN A 195 -8.34 18.48 3.63
C GLN A 195 -8.37 18.44 3.75
N ASP A 196 -9.16 17.45 3.34
CA ASP A 196 -9.58 16.44 4.28
C ASP A 196 -8.33 15.65 4.75
N LEU A 197 -7.52 15.26 3.81
CA LEU A 197 -6.31 14.48 4.10
C LEU A 197 -5.32 15.29 4.93
N GLU A 198 -5.08 16.58 4.62
N GLU A 198 -5.18 16.58 4.59
CA GLU A 198 -4.21 17.40 5.45
CA GLU A 198 -4.30 17.51 5.28
C GLU A 198 -4.73 17.45 6.89
C GLU A 198 -4.72 17.65 6.75
N ARG A 199 -6.04 17.63 7.06
CA ARG A 199 -6.54 17.71 8.42
C ARG A 199 -6.24 16.44 9.21
N LEU A 200 -6.39 15.27 8.55
CA LEU A 200 -6.12 13.98 9.17
C LEU A 200 -4.63 13.88 9.52
N PHE A 201 -3.78 14.30 8.61
CA PHE A 201 -2.35 14.24 8.84
C PHE A 201 -1.98 15.10 10.04
N GLN A 202 -2.58 16.29 10.14
CA GLN A 202 -2.27 17.18 11.25
C GLN A 202 -2.69 16.52 12.57
N GLU A 203 -3.78 15.80 12.60
CA GLU A 203 -4.24 15.16 13.82
C GLU A 203 -3.25 14.15 14.37
N LEU A 204 -2.47 13.55 13.47
CA LEU A 204 -1.54 12.48 13.81
C LEU A 204 -0.17 13.03 14.20
N GLN A 205 0.04 14.34 14.15
CA GLN A 205 1.36 14.92 14.44
C GLN A 205 1.82 14.76 15.86
N PRO A 206 1.01 15.00 16.90
CA PRO A 206 1.49 14.74 18.26
C PRO A 206 2.09 13.34 18.40
N LEU A 207 1.37 12.32 17.97
CA LEU A 207 1.82 10.97 18.03
C LEU A 207 3.13 10.78 17.27
N TYR A 208 3.15 11.19 15.99
CA TYR A 208 4.34 10.94 15.19
C TYR A 208 5.54 11.68 15.79
N LEU A 209 5.40 12.96 16.17
CA LEU A 209 6.56 13.69 16.68
C LEU A 209 7.07 13.05 17.96
N ASN A 210 6.16 12.54 18.81
CA ASN A 210 6.63 11.94 20.05
C ASN A 210 7.31 10.61 19.78
N LEU A 211 6.82 9.80 18.82
CA LEU A 211 7.45 8.55 18.43
C LEU A 211 8.82 8.84 17.85
N HIS A 212 8.89 9.79 16.92
CA HIS A 212 10.15 10.21 16.28
C HIS A 212 11.20 10.58 17.32
N ALA A 213 10.83 11.38 18.31
CA ALA A 213 11.81 11.84 19.31
C ALA A 213 12.31 10.66 20.14
N TYR A 214 11.42 9.75 20.50
CA TYR A 214 11.76 8.60 21.31
C TYR A 214 12.71 7.66 20.57
N VAL A 215 12.39 7.40 19.32
CA VAL A 215 13.22 6.54 18.50
C VAL A 215 14.57 7.19 18.25
N ARG A 216 14.55 8.48 17.95
CA ARG A 216 15.80 9.24 17.78
C ARG A 216 16.75 9.01 18.96
N ARG A 217 16.21 9.21 20.16
CA ARG A 217 16.99 9.03 21.36
C ARG A 217 17.56 7.62 21.43
N ALA A 218 16.77 6.58 21.07
CA ALA A 218 17.26 5.22 21.09
C ALA A 218 18.34 4.96 20.07
N LEU A 219 18.20 5.61 18.91
CA LEU A 219 19.24 5.47 17.91
C LEU A 219 20.52 6.17 18.34
N HIS A 220 20.42 7.30 19.02
CA HIS A 220 21.56 7.99 19.58
C HIS A 220 22.29 7.06 20.55
N ARG A 221 21.55 6.32 21.35
CA ARG A 221 22.16 5.34 22.27
C ARG A 221 22.91 4.23 21.53
N HIS A 222 22.42 3.70 20.43
CA HIS A 222 23.08 2.59 19.77
C HIS A 222 24.16 3.04 18.77
N TYR A 223 23.84 4.03 17.93
CA TYR A 223 24.70 4.42 16.81
C TYR A 223 25.70 5.51 17.19
N GLY A 224 25.53 6.11 18.35
CA GLY A 224 26.45 7.07 18.89
C GLY A 224 26.05 8.50 18.72
N ALA A 225 26.51 9.36 19.64
CA ALA A 225 26.24 10.75 19.60
C ALA A 225 26.73 11.50 18.38
N GLN A 226 27.86 11.01 17.80
CA GLN A 226 28.43 11.65 16.64
C GLN A 226 27.61 11.38 15.37
N HIS A 227 26.64 10.45 15.45
CA HIS A 227 25.86 10.09 14.26
C HIS A 227 24.38 10.43 14.36
N ILE A 228 23.90 10.86 15.53
CA ILE A 228 22.48 11.22 15.72
C ILE A 228 22.45 12.59 16.39
N ASN A 229 21.81 13.52 15.73
CA ASN A 229 21.53 14.84 16.26
C ASN A 229 20.17 14.81 16.95
N LEU A 230 20.17 14.99 18.28
CA LEU A 230 18.96 14.92 19.09
C LEU A 230 17.98 16.04 18.84
N GLU A 231 18.37 17.06 18.07
CA GLU A 231 17.48 18.13 17.66
C GLU A 231 17.28 18.16 16.14
N GLY A 232 17.63 17.07 15.46
CA GLY A 232 17.60 17.04 14.03
C GLY A 232 16.84 15.85 13.47
N PRO A 233 16.80 15.76 12.13
CA PRO A 233 16.25 14.60 11.45
C PRO A 233 17.06 13.33 11.69
N ILE A 234 16.43 12.18 11.50
CA ILE A 234 17.01 10.86 11.67
C ILE A 234 17.59 10.40 10.33
N PRO A 235 18.80 9.85 10.29
CA PRO A 235 19.30 9.29 9.04
C PRO A 235 18.43 8.14 8.53
N ALA A 236 18.17 8.19 7.20
CA ALA A 236 17.07 7.43 6.60
C ALA A 236 17.34 5.95 6.48
N HIS A 237 18.60 5.52 6.77
CA HIS A 237 18.97 4.11 6.64
C HIS A 237 18.94 3.32 7.95
N LEU A 238 18.47 3.92 9.08
CA LEU A 238 18.58 3.31 10.40
C LEU A 238 17.28 2.74 10.93
N LEU A 239 16.20 2.74 10.14
CA LEU A 239 14.89 2.47 10.70
C LEU A 239 14.38 1.06 10.38
N GLY A 240 15.20 0.18 9.78
CA GLY A 240 14.90 -1.23 9.69
C GLY A 240 14.23 -1.59 8.36
N ASN A 241 14.08 -0.59 7.46
CA ASN A 241 13.26 -0.68 6.27
C ASN A 241 13.94 0.14 5.18
N MET A 242 13.88 -0.35 3.95
CA MET A 242 14.57 0.36 2.85
C MET A 242 14.14 1.82 2.69
N TRP A 243 12.86 2.11 2.92
CA TRP A 243 12.29 3.43 2.76
C TRP A 243 12.02 4.14 4.06
N ALA A 244 12.37 3.51 5.20
CA ALA A 244 12.04 4.02 6.51
C ALA A 244 10.54 4.29 6.64
N GLN A 245 9.75 3.47 5.96
CA GLN A 245 8.32 3.74 5.90
C GLN A 245 7.58 3.06 7.07
N THR A 246 8.17 1.97 7.56
CA THR A 246 7.77 1.24 8.76
C THR A 246 9.03 0.93 9.56
N TRP A 247 8.94 1.01 10.89
CA TRP A 247 10.07 0.96 11.78
C TRP A 247 10.10 -0.26 12.68
N SER A 248 9.22 -1.25 12.49
CA SER A 248 9.13 -2.28 13.53
C SER A 248 10.32 -3.24 13.54
N ASN A 249 11.20 -3.24 12.54
CA ASN A 249 12.36 -4.08 12.61
C ASN A 249 13.41 -3.54 13.58
N ILE A 250 13.29 -2.32 14.10
CA ILE A 250 14.19 -1.85 15.16
C ILE A 250 13.54 -1.84 16.53
N TYR A 251 12.44 -2.60 16.69
CA TYR A 251 11.81 -2.77 17.99
C TYR A 251 12.87 -3.10 19.07
N ASP A 252 13.79 -4.02 18.77
CA ASP A 252 14.79 -4.44 19.77
C ASP A 252 15.62 -3.25 20.30
N LEU A 253 15.81 -2.19 19.52
CA LEU A 253 16.55 -1.00 19.96
C LEU A 253 15.73 -0.06 20.81
N VAL A 254 14.39 -0.12 20.76
CA VAL A 254 13.53 0.85 21.32
C VAL A 254 12.57 0.33 22.37
N VAL A 255 12.64 -0.96 22.77
CA VAL A 255 11.69 -1.56 23.71
C VAL A 255 11.43 -0.72 24.95
N PRO A 256 10.18 -0.32 25.22
CA PRO A 256 9.85 0.47 26.42
C PRO A 256 10.23 -0.20 27.73
N PHE A 257 9.98 -1.51 27.82
CA PHE A 257 10.14 -2.26 29.08
C PHE A 257 10.89 -3.53 28.74
N PRO A 258 12.24 -3.42 28.61
CA PRO A 258 13.05 -4.56 28.16
C PRO A 258 13.11 -5.69 29.19
N SER A 259 12.66 -5.39 30.40
CA SER A 259 12.61 -6.42 31.42
C SER A 259 11.41 -7.31 31.19
N ALA A 260 10.44 -6.88 30.38
CA ALA A 260 9.26 -7.69 30.17
C ALA A 260 9.61 -8.87 29.29
N PRO A 261 9.15 -10.07 29.69
CA PRO A 261 9.44 -11.26 28.88
C PRO A 261 8.85 -11.03 27.47
N SER A 262 9.60 -11.43 26.44
CA SER A 262 9.20 -11.26 25.05
C SER A 262 9.79 -12.39 24.19
N MET A 263 9.16 -12.63 23.04
CA MET A 263 9.55 -13.70 22.11
C MET A 263 9.44 -13.12 20.71
N ASP A 264 10.55 -13.05 19.96
CA ASP A 264 10.50 -12.55 18.60
C ASP A 264 9.57 -13.48 17.80
N THR A 265 8.51 -12.92 17.22
CA THR A 265 7.55 -13.73 16.50
C THR A 265 8.25 -14.47 15.38
N THR A 266 9.10 -13.73 14.62
CA THR A 266 9.79 -14.28 13.44
C THR A 266 10.57 -15.52 13.85
N GLU A 267 11.34 -15.43 14.92
CA GLU A 267 12.10 -16.60 15.37
C GLU A 267 11.19 -17.81 15.67
N ALA A 268 10.02 -17.62 16.32
CA ALA A 268 9.12 -18.75 16.66
C ALA A 268 8.48 -19.42 15.44
N MET A 269 8.13 -18.60 14.44
CA MET A 269 7.60 -19.13 13.20
C MET A 269 8.54 -20.17 12.57
N LEU A 270 9.81 -19.79 12.52
CA LEU A 270 10.86 -20.61 11.90
C LEU A 270 11.09 -21.85 12.75
N LYS A 271 11.23 -21.63 14.07
CA LYS A 271 11.37 -22.72 15.02
C LYS A 271 10.17 -23.68 14.87
N GLN A 272 8.94 -23.17 14.63
CA GLN A 272 7.82 -24.09 14.48
C GLN A 272 7.51 -24.50 13.04
N GLY A 273 8.42 -24.28 12.10
CA GLY A 273 8.28 -24.85 10.75
C GLY A 273 7.13 -24.22 9.94
N TRP A 274 6.80 -22.97 10.23
CA TRP A 274 5.82 -22.30 9.37
C TRP A 274 6.37 -22.22 7.96
N THR A 275 5.44 -22.27 6.98
CA THR A 275 5.79 -22.04 5.61
C THR A 275 4.93 -20.90 5.02
N PRO A 276 5.23 -20.43 3.80
CA PRO A 276 4.30 -19.48 3.16
C PRO A 276 2.88 -20.00 3.02
N ARG A 277 2.72 -21.27 2.64
CA ARG A 277 1.37 -21.80 2.57
C ARG A 277 0.62 -21.76 3.89
N ARG A 278 1.29 -22.12 5.00
CA ARG A 278 0.66 -22.04 6.30
C ARG A 278 0.24 -20.60 6.59
N MET A 279 1.05 -19.61 6.19
CA MET A 279 0.73 -18.23 6.45
C MET A 279 -0.56 -17.81 5.77
N PHE A 280 -0.71 -18.19 4.50
CA PHE A 280 -1.92 -17.89 3.75
C PHE A 280 -3.14 -18.68 4.22
N LYS A 281 -2.95 -19.94 4.66
CA LYS A 281 -4.02 -20.72 5.26
C LYS A 281 -4.55 -20.09 6.53
N GLU A 282 -3.63 -19.57 7.40
CA GLU A 282 -4.03 -18.88 8.61
C GLU A 282 -4.90 -17.68 8.27
N ALA A 283 -4.45 -16.89 7.25
CA ALA A 283 -5.30 -15.77 6.84
C ALA A 283 -6.69 -16.16 6.29
N ASP A 284 -6.71 -17.19 5.48
CA ASP A 284 -7.94 -17.78 4.97
C ASP A 284 -8.85 -18.18 6.13
N ASP A 285 -8.26 -18.81 7.15
CA ASP A 285 -9.02 -19.18 8.34
C ASP A 285 -9.61 -18.02 9.12
N PHE A 286 -8.86 -16.88 9.21
CA PHE A 286 -9.42 -15.74 9.87
C PHE A 286 -10.62 -15.22 9.06
N PHE A 287 -10.48 -15.10 7.73
CA PHE A 287 -11.61 -14.68 6.92
C PHE A 287 -12.90 -15.55 7.11
N THR A 288 -12.74 -16.86 7.05
CA THR A 288 -13.89 -17.74 7.17
C THR A 288 -14.42 -17.74 8.60
N SER A 289 -13.57 -17.51 9.58
CA SER A 289 -14.03 -17.36 10.95
C SER A 289 -15.05 -16.25 11.10
N LEU A 290 -14.91 -15.18 10.29
CA LEU A 290 -15.85 -14.07 10.27
C LEU A 290 -17.12 -14.30 9.47
N GLY A 291 -17.21 -15.50 8.90
CA GLY A 291 -18.31 -15.80 7.99
C GLY A 291 -18.04 -15.23 6.60
N LEU A 292 -16.79 -14.81 6.30
CA LEU A 292 -16.45 -14.32 4.99
C LEU A 292 -16.03 -15.50 4.12
N LEU A 293 -15.75 -15.20 2.84
CA LEU A 293 -15.58 -16.24 1.84
C LEU A 293 -14.21 -16.89 1.92
N PRO A 294 -14.09 -18.22 1.70
CA PRO A 294 -12.83 -18.89 1.56
C PRO A 294 -12.31 -18.63 0.14
N VAL A 295 -11.00 -18.61 -0.03
CA VAL A 295 -10.43 -18.59 -1.36
C VAL A 295 -10.76 -19.91 -2.08
N PRO A 296 -10.99 -19.91 -3.41
CA PRO A 296 -11.33 -21.16 -4.12
C PRO A 296 -10.17 -22.11 -4.22
N PRO A 297 -10.41 -23.44 -4.41
CA PRO A 297 -9.33 -24.40 -4.66
C PRO A 297 -8.28 -23.97 -5.68
N GLU A 298 -8.78 -23.26 -6.68
CA GLU A 298 -8.00 -22.79 -7.81
C GLU A 298 -6.89 -21.85 -7.30
N PHE A 299 -7.20 -21.04 -6.27
CA PHE A 299 -6.24 -20.07 -5.74
C PHE A 299 -4.97 -20.76 -5.29
N TRP A 300 -5.11 -21.95 -4.65
CA TRP A 300 -3.99 -22.69 -4.10
C TRP A 300 -3.20 -23.39 -5.17
N GLN A 301 -3.88 -23.70 -6.27
CA GLN A 301 -3.25 -24.27 -7.43
C GLN A 301 -2.44 -23.26 -8.20
N LYS A 302 -2.99 -22.03 -8.38
CA LYS A 302 -2.44 -21.11 -9.36
C LYS A 302 -1.60 -19.98 -8.76
N SER A 303 -1.71 -19.72 -7.45
CA SER A 303 -0.96 -18.60 -6.86
C SER A 303 0.54 -18.89 -6.83
N MET A 304 1.36 -17.84 -6.74
CA MET A 304 2.79 -17.92 -6.59
C MET A 304 3.13 -17.38 -5.20
N LEU A 305 3.22 -18.28 -4.22
CA LEU A 305 3.35 -17.86 -2.83
C LEU A 305 4.77 -17.84 -2.29
N GLU A 306 5.76 -18.20 -3.10
CA GLU A 306 7.15 -18.00 -2.78
C GLU A 306 7.93 -17.75 -4.05
N LYS A 307 9.13 -17.19 -3.89
CA LYS A 307 10.03 -16.90 -4.99
C LYS A 307 10.45 -18.18 -5.69
N PRO A 308 10.26 -18.33 -7.01
CA PRO A 308 10.62 -19.57 -7.71
C PRO A 308 12.11 -19.81 -7.50
N THR A 309 12.49 -21.09 -7.38
CA THR A 309 13.90 -21.43 -7.28
C THR A 309 14.38 -22.01 -8.61
N ASP A 310 13.51 -22.05 -9.65
CA ASP A 310 13.72 -22.79 -10.88
C ASP A 310 14.42 -21.97 -11.96
N GLY A 311 15.15 -20.90 -11.61
CA GLY A 311 15.72 -20.08 -12.67
C GLY A 311 14.77 -18.99 -13.22
N ARG A 312 13.44 -19.02 -12.98
CA ARG A 312 12.59 -17.91 -13.45
C ARG A 312 13.00 -16.60 -12.76
N GLU A 313 13.03 -15.48 -13.49
CA GLU A 313 13.04 -14.14 -12.90
C GLU A 313 11.61 -13.59 -12.78
N VAL A 314 11.27 -12.91 -11.66
CA VAL A 314 9.88 -12.54 -11.38
C VAL A 314 9.85 -11.11 -10.83
N VAL A 315 8.63 -10.53 -10.89
CA VAL A 315 8.30 -9.34 -10.09
C VAL A 315 7.91 -9.82 -8.72
N CYS A 316 8.81 -9.66 -7.73
CA CYS A 316 8.56 -10.16 -6.42
C CYS A 316 7.49 -9.35 -5.69
N HIS A 317 7.46 -8.03 -5.93
CA HIS A 317 6.63 -7.14 -5.08
C HIS A 317 5.22 -7.70 -4.94
N ALA A 318 4.74 -7.94 -3.72
CA ALA A 318 3.53 -8.72 -3.49
C ALA A 318 2.31 -8.06 -4.10
N SER A 319 1.45 -8.87 -4.74
CA SER A 319 0.23 -8.30 -5.30
C SER A 319 -0.88 -9.35 -5.42
N ALA A 320 -2.11 -8.86 -5.52
CA ALA A 320 -3.32 -9.68 -5.55
C ALA A 320 -4.03 -9.45 -6.89
N TRP A 321 -4.48 -10.52 -7.56
CA TRP A 321 -4.91 -10.46 -8.93
C TRP A 321 -6.34 -10.98 -9.16
N ASP A 322 -7.16 -10.19 -9.86
CA ASP A 322 -8.50 -10.58 -10.25
C ASP A 322 -8.43 -10.86 -11.74
N PHE A 323 -8.86 -12.08 -12.16
CA PHE A 323 -8.86 -12.43 -13.56
C PHE A 323 -10.23 -12.22 -14.19
N TYR A 324 -11.17 -11.59 -13.47
CA TYR A 324 -12.37 -11.06 -14.07
C TYR A 324 -13.21 -12.19 -14.68
N ASN A 325 -13.17 -13.38 -14.08
CA ASN A 325 -14.15 -14.41 -14.47
C ASN A 325 -14.96 -14.89 -13.28
N GLY A 326 -14.84 -14.23 -12.11
CA GLY A 326 -15.62 -14.61 -10.95
C GLY A 326 -15.16 -15.93 -10.31
N LYS A 327 -14.05 -16.51 -10.76
CA LYS A 327 -13.58 -17.81 -10.28
C LYS A 327 -12.08 -17.86 -9.96
N ASP A 328 -11.27 -17.13 -10.74
CA ASP A 328 -9.82 -17.20 -10.69
C ASP A 328 -9.28 -15.92 -10.00
N PHE A 329 -8.76 -16.10 -8.80
CA PHE A 329 -8.11 -15.05 -8.02
C PHE A 329 -6.79 -15.56 -7.54
N ARG A 330 -5.74 -14.75 -7.53
CA ARG A 330 -4.43 -15.29 -7.18
C ARG A 330 -3.61 -14.23 -6.44
N ILE A 331 -2.63 -14.66 -5.62
CA ILE A 331 -1.60 -13.81 -5.05
C ILE A 331 -0.28 -14.24 -5.65
N LYS A 332 0.57 -13.24 -5.89
CA LYS A 332 1.95 -13.36 -6.31
C LYS A 332 2.83 -12.67 -5.29
N GLN A 333 3.47 -13.42 -4.41
CA GLN A 333 4.33 -12.82 -3.38
C GLN A 333 5.54 -13.72 -3.17
N CYS A 334 6.68 -13.07 -3.00
CA CYS A 334 7.93 -13.74 -2.62
C CYS A 334 8.07 -13.83 -1.11
N THR A 335 7.19 -14.63 -0.51
CA THR A 335 6.93 -14.64 0.92
C THR A 335 8.15 -15.15 1.66
N THR A 336 8.54 -14.39 2.70
CA THR A 336 9.51 -14.88 3.69
C THR A 336 8.73 -15.25 4.94
N VAL A 337 9.25 -16.26 5.67
CA VAL A 337 8.56 -16.67 6.87
C VAL A 337 8.97 -15.76 8.02
N ASN A 338 8.13 -14.75 8.27
CA ASN A 338 8.33 -13.76 9.32
C ASN A 338 7.03 -12.99 9.54
N LEU A 339 6.96 -12.25 10.65
CA LEU A 339 5.69 -11.70 11.07
C LEU A 339 5.32 -10.58 10.07
N GLU A 340 6.30 -9.87 9.57
CA GLU A 340 6.05 -8.76 8.65
C GLU A 340 5.31 -9.25 7.42
N ASP A 341 5.78 -10.38 6.90
CA ASP A 341 5.13 -10.96 5.73
C ASP A 341 3.84 -11.68 6.08
N LEU A 342 3.63 -12.12 7.32
CA LEU A 342 2.32 -12.63 7.69
C LEU A 342 1.29 -11.49 7.57
N VAL A 343 1.72 -10.29 8.02
CA VAL A 343 0.78 -9.14 7.92
C VAL A 343 0.52 -8.79 6.46
N VAL A 344 1.56 -8.81 5.64
CA VAL A 344 1.43 -8.58 4.21
C VAL A 344 0.50 -9.64 3.62
N ALA A 345 0.67 -10.91 4.05
CA ALA A 345 -0.22 -11.91 3.48
C ALA A 345 -1.70 -11.64 3.75
N HIS A 346 -2.02 -11.15 4.95
CA HIS A 346 -3.36 -10.76 5.33
C HIS A 346 -3.84 -9.61 4.46
N HIS A 347 -2.93 -8.66 4.24
CA HIS A 347 -3.24 -7.53 3.36
C HIS A 347 -3.67 -8.00 1.98
N GLU A 348 -2.90 -8.88 1.38
CA GLU A 348 -3.17 -9.40 0.07
C GLU A 348 -4.43 -10.23 0.06
N MET A 349 -4.64 -11.01 1.13
CA MET A 349 -5.87 -11.78 1.22
C MET A 349 -7.13 -10.94 1.33
N GLY A 350 -7.01 -9.72 1.87
CA GLY A 350 -8.09 -8.78 1.87
C GLY A 350 -8.47 -8.34 0.48
N HIS A 351 -7.45 -8.10 -0.38
CA HIS A 351 -7.74 -7.77 -1.75
C HIS A 351 -8.53 -8.92 -2.38
N ILE A 352 -8.05 -10.15 -2.16
CA ILE A 352 -8.79 -11.30 -2.74
C ILE A 352 -10.23 -11.34 -2.26
N GLN A 353 -10.42 -11.12 -0.97
CA GLN A 353 -11.73 -11.12 -0.35
C GLN A 353 -12.65 -10.12 -1.02
N TYR A 354 -12.10 -8.92 -1.32
CA TYR A 354 -12.89 -7.89 -1.98
C TYR A 354 -13.28 -8.35 -3.39
N PHE A 355 -12.34 -8.98 -4.11
CA PHE A 355 -12.62 -9.42 -5.47
C PHE A 355 -13.77 -10.42 -5.44
N MET A 356 -13.69 -11.34 -4.50
CA MET A 356 -14.79 -12.32 -4.39
C MET A 356 -16.13 -11.71 -3.99
N GLN A 357 -16.15 -10.76 -3.06
CA GLN A 357 -17.36 -10.10 -2.63
C GLN A 357 -18.07 -9.33 -3.76
N TYR A 358 -17.36 -8.66 -4.68
CA TYR A 358 -17.99 -7.87 -5.72
C TYR A 358 -18.00 -8.57 -7.07
N LYS A 359 -17.76 -9.87 -7.12
CA LYS A 359 -17.57 -10.57 -8.39
C LYS A 359 -18.85 -10.57 -9.25
N ASP A 360 -20.03 -10.40 -8.68
CA ASP A 360 -21.30 -10.41 -9.44
C ASP A 360 -21.76 -9.02 -9.88
N LEU A 361 -20.98 -7.96 -9.57
CA LEU A 361 -21.30 -6.63 -10.06
C LEU A 361 -20.82 -6.57 -11.49
N PRO A 362 -21.38 -5.65 -12.30
CA PRO A 362 -20.77 -5.30 -13.59
C PRO A 362 -19.29 -4.97 -13.40
N VAL A 363 -18.46 -5.31 -14.36
CA VAL A 363 -17.01 -5.18 -14.19
C VAL A 363 -16.60 -3.72 -13.95
N ALA A 364 -17.33 -2.75 -14.51
CA ALA A 364 -17.04 -1.34 -14.26
C ALA A 364 -17.15 -0.91 -12.80
N LEU A 365 -17.92 -1.66 -12.02
CA LEU A 365 -18.13 -1.34 -10.60
C LEU A 365 -17.34 -2.28 -9.69
N ARG A 366 -16.45 -3.10 -10.23
CA ARG A 366 -15.63 -4.04 -9.49
C ARG A 366 -14.36 -3.37 -8.98
N GLU A 367 -14.56 -2.39 -8.12
CA GLU A 367 -13.47 -1.68 -7.44
C GLU A 367 -13.91 -1.48 -5.99
N GLY A 368 -12.96 -1.07 -5.12
CA GLY A 368 -13.29 -0.68 -3.77
C GLY A 368 -14.18 0.55 -3.74
N ALA A 369 -14.82 0.84 -2.60
CA ALA A 369 -15.63 2.04 -2.51
C ALA A 369 -14.82 3.27 -2.88
N ASN A 370 -13.57 3.26 -2.40
CA ASN A 370 -12.49 4.08 -2.91
C ASN A 370 -11.25 3.22 -2.79
N PRO A 371 -10.12 3.58 -3.41
CA PRO A 371 -8.94 2.72 -3.35
C PRO A 371 -8.46 2.44 -1.95
N GLY A 372 -8.65 3.39 -1.03
CA GLY A 372 -8.26 3.15 0.38
C GLY A 372 -9.03 2.00 1.01
N PHE A 373 -10.33 1.83 0.67
CA PHE A 373 -11.08 0.69 1.20
C PHE A 373 -10.49 -0.64 0.76
N HIS A 374 -10.03 -0.75 -0.51
CA HIS A 374 -9.44 -1.98 -1.00
C HIS A 374 -8.21 -2.35 -0.16
N GLU A 375 -7.37 -1.31 0.12
CA GLU A 375 -6.19 -1.52 0.94
C GLU A 375 -6.47 -1.88 2.40
N ALA A 376 -7.58 -1.44 2.96
CA ALA A 376 -7.78 -1.53 4.40
C ALA A 376 -8.20 -2.92 4.86
N ILE A 377 -8.93 -3.65 4.03
CA ILE A 377 -9.66 -4.83 4.54
C ILE A 377 -8.69 -5.82 5.22
N GLY A 378 -7.66 -6.26 4.52
CA GLY A 378 -6.77 -7.26 5.09
C GLY A 378 -6.04 -6.73 6.32
N ASP A 379 -5.75 -5.43 6.32
CA ASP A 379 -5.07 -4.81 7.45
C ASP A 379 -5.92 -4.87 8.70
N VAL A 380 -7.23 -4.69 8.55
CA VAL A 380 -8.12 -4.78 9.70
C VAL A 380 -8.00 -6.15 10.36
N LEU A 381 -8.03 -7.22 9.60
CA LEU A 381 -7.88 -8.53 10.25
C LEU A 381 -6.48 -8.68 10.86
N ALA A 382 -5.45 -8.18 10.20
CA ALA A 382 -4.10 -8.28 10.74
C ALA A 382 -3.93 -7.52 12.04
N LEU A 383 -4.71 -6.47 12.30
CA LEU A 383 -4.62 -5.84 13.62
C LEU A 383 -4.93 -6.84 14.72
N SER A 384 -5.98 -7.62 14.50
CA SER A 384 -6.39 -8.62 15.51
C SER A 384 -5.34 -9.73 15.58
N VAL A 385 -4.82 -10.17 14.44
CA VAL A 385 -3.80 -11.20 14.41
C VAL A 385 -2.59 -10.81 15.25
N SER A 386 -2.18 -9.52 15.20
CA SER A 386 -0.96 -9.07 15.85
C SER A 386 -1.05 -9.01 17.35
N THR A 387 -2.26 -9.05 17.93
CA THR A 387 -2.43 -8.93 19.38
C THR A 387 -1.65 -10.07 20.03
N PRO A 388 -1.03 -9.81 21.21
CA PRO A 388 -0.37 -10.88 21.98
C PRO A 388 -1.23 -12.11 22.22
N LYS A 389 -2.51 -11.87 22.54
CA LYS A 389 -3.46 -12.93 22.80
C LYS A 389 -3.61 -13.80 21.55
N HIS A 390 -3.74 -13.18 20.35
CA HIS A 390 -3.87 -13.99 19.19
C HIS A 390 -2.57 -14.71 18.80
N LEU A 391 -1.45 -14.02 18.91
CA LEU A 391 -0.20 -14.69 18.61
C LEU A 391 0.08 -15.87 19.60
N HIS A 392 -0.36 -15.72 20.81
CA HIS A 392 -0.28 -16.86 21.73
C HIS A 392 -1.14 -18.06 21.27
N SER A 393 -2.32 -17.75 20.73
CA SER A 393 -3.19 -18.77 20.20
C SER A 393 -2.60 -19.50 19.00
N LEU A 394 -1.64 -18.87 18.25
CA LEU A 394 -0.99 -19.48 17.14
C LEU A 394 0.32 -20.19 17.52
N ASN A 395 0.61 -20.16 18.83
CA ASN A 395 1.80 -20.74 19.45
C ASN A 395 3.06 -19.96 19.05
N LEU A 396 2.92 -18.62 18.91
CA LEU A 396 4.06 -17.76 18.54
C LEU A 396 4.48 -16.82 19.64
N LEU A 397 3.84 -16.93 20.77
CA LEU A 397 4.11 -16.11 21.93
C LEU A 397 3.72 -16.98 23.14
N SER A 398 4.53 -16.97 24.20
CA SER A 398 4.26 -17.88 25.32
C SER A 398 3.19 -17.33 26.26
N SER A 399 3.00 -16.02 26.29
CA SER A 399 2.00 -15.43 27.17
C SER A 399 0.91 -14.73 26.35
N SER A 403 0.07 -7.42 31.71
CA SER A 403 0.86 -6.38 32.45
C SER A 403 0.86 -5.07 31.66
N ASP A 404 0.99 -3.96 32.40
CA ASP A 404 1.01 -2.64 31.79
C ASP A 404 2.28 -2.50 30.95
N GLU A 405 3.34 -3.23 31.38
CA GLU A 405 4.60 -3.22 30.67
C GLU A 405 4.45 -3.88 29.30
N HIS A 406 3.86 -5.10 29.29
CA HIS A 406 3.67 -5.82 28.03
C HIS A 406 2.75 -5.03 27.11
N ASP A 407 1.80 -4.30 27.67
CA ASP A 407 0.87 -3.51 26.90
C ASP A 407 1.49 -2.32 26.13
N ILE A 408 2.33 -1.55 26.86
CA ILE A 408 3.06 -0.44 26.26
C ILE A 408 4.03 -1.02 25.24
N ASN A 409 4.68 -2.15 25.54
CA ASN A 409 5.59 -2.78 24.59
C ASN A 409 4.80 -3.08 23.28
N PHE A 410 3.61 -3.61 23.43
CA PHE A 410 2.81 -4.00 22.27
C PHE A 410 2.43 -2.76 21.47
N LEU A 411 1.91 -1.76 22.12
CA LEU A 411 1.53 -0.52 21.45
C LEU A 411 2.72 0.09 20.75
N MET A 412 3.94 0.04 21.36
CA MET A 412 5.11 0.55 20.62
C MET A 412 5.38 -0.27 19.38
N LYS A 413 5.37 -1.60 19.43
CA LYS A 413 5.56 -2.45 18.26
C LYS A 413 4.56 -2.04 17.16
N MET A 414 3.31 -1.84 17.51
CA MET A 414 2.29 -1.43 16.55
C MET A 414 2.54 -0.03 16.00
N ALA A 415 2.95 0.91 16.86
CA ALA A 415 3.15 2.28 16.45
C ALA A 415 4.32 2.32 15.46
N LEU A 416 5.34 1.50 15.67
CA LEU A 416 6.48 1.52 14.78
C LEU A 416 6.07 1.22 13.33
N ASP A 417 5.01 0.44 13.12
CA ASP A 417 4.45 0.21 11.79
C ASP A 417 3.45 1.29 11.41
N LYS A 418 2.44 1.44 12.23
CA LYS A 418 1.25 2.16 11.82
C LYS A 418 1.46 3.68 11.88
N ILE A 419 2.06 4.22 12.95
N ILE A 419 2.04 4.24 12.97
CA ILE A 419 2.27 5.63 13.08
CA ILE A 419 2.27 5.67 13.15
C ILE A 419 3.43 6.11 12.19
C ILE A 419 3.44 6.17 12.29
N ALA A 420 4.52 5.38 12.20
CA ALA A 420 5.68 5.80 11.35
C ALA A 420 5.27 5.87 9.88
N PHE A 421 4.28 5.09 9.43
CA PHE A 421 3.90 5.06 8.03
C PHE A 421 3.08 6.29 7.66
N ILE A 422 2.36 6.91 8.60
CA ILE A 422 1.51 8.05 8.28
C ILE A 422 2.21 9.13 7.44
N PRO A 423 3.34 9.70 7.86
CA PRO A 423 3.96 10.78 7.07
C PRO A 423 4.51 10.27 5.75
N PHE A 424 5.01 9.04 5.72
CA PHE A 424 5.56 8.49 4.48
C PHE A 424 4.42 8.35 3.46
N SER A 425 3.31 7.75 3.86
CA SER A 425 2.18 7.50 2.97
C SER A 425 1.56 8.81 2.49
N TYR A 426 1.65 9.88 3.30
CA TYR A 426 1.14 11.20 2.92
C TYR A 426 2.02 11.77 1.83
N LEU A 427 3.33 11.67 1.99
CA LEU A 427 4.25 12.45 1.16
C LEU A 427 4.40 11.91 -0.26
N VAL A 428 4.28 10.62 -0.52
CA VAL A 428 4.59 10.07 -1.85
C VAL A 428 3.81 10.80 -2.95
N ASP A 429 2.50 10.89 -2.80
CA ASP A 429 1.69 11.53 -3.83
C ASP A 429 1.64 13.04 -3.64
N GLN A 430 2.09 13.58 -2.49
CA GLN A 430 2.32 15.02 -2.48
C GLN A 430 3.42 15.37 -3.47
N TRP A 431 4.45 14.53 -3.53
CA TRP A 431 5.51 14.67 -4.54
C TRP A 431 4.97 14.46 -5.94
N ARG A 432 4.29 13.34 -6.20
CA ARG A 432 3.87 13.04 -7.54
C ARG A 432 2.83 14.01 -8.07
N TRP A 433 1.92 14.48 -7.22
CA TRP A 433 0.92 15.46 -7.67
C TRP A 433 1.61 16.68 -8.23
N ARG A 434 2.63 17.16 -7.54
N ARG A 434 2.74 17.08 -7.64
CA ARG A 434 3.41 18.32 -7.99
CA ARG A 434 3.43 18.32 -8.03
C ARG A 434 4.19 18.03 -9.26
C ARG A 434 4.42 18.08 -9.18
N VAL A 435 4.77 16.82 -9.39
CA VAL A 435 5.42 16.43 -10.60
C VAL A 435 4.42 16.51 -11.74
N PHE A 436 3.26 15.88 -11.57
CA PHE A 436 2.27 15.82 -12.65
C PHE A 436 1.71 17.22 -12.98
N ASP A 437 1.55 18.13 -12.00
CA ASP A 437 1.02 19.46 -12.29
C ASP A 437 2.12 20.41 -12.79
N GLY A 438 3.34 19.95 -12.92
CA GLY A 438 4.44 20.71 -13.51
C GLY A 438 5.14 21.65 -12.51
N SER A 439 4.80 21.62 -11.21
CA SER A 439 5.47 22.37 -10.17
C SER A 439 6.89 21.87 -9.91
N ILE A 440 7.20 20.57 -10.02
CA ILE A 440 8.48 19.98 -9.87
C ILE A 440 8.90 19.52 -11.25
N THR A 441 10.01 20.07 -11.76
CA THR A 441 10.59 19.62 -13.01
C THR A 441 11.63 18.56 -12.77
N LYS A 442 12.10 17.94 -13.85
CA LYS A 442 13.13 16.95 -13.76
C LYS A 442 14.40 17.51 -13.14
N GLU A 443 14.67 18.82 -13.18
CA GLU A 443 15.85 19.39 -12.53
C GLU A 443 15.74 19.28 -11.00
N ASN A 444 14.50 19.18 -10.46
CA ASN A 444 14.34 19.26 -9.03
C ASN A 444 13.61 18.03 -8.45
N TYR A 445 13.43 16.99 -9.26
CA TYR A 445 12.79 15.76 -8.75
C TYR A 445 13.33 15.42 -7.36
N ASN A 446 14.64 15.21 -7.26
CA ASN A 446 15.23 14.58 -6.08
C ASN A 446 15.21 15.53 -4.92
N GLN A 447 15.56 16.81 -5.19
CA GLN A 447 15.62 17.78 -4.13
C GLN A 447 14.24 17.94 -3.46
N GLU A 448 13.18 17.93 -4.30
CA GLU A 448 11.85 18.10 -3.77
C GLU A 448 11.39 16.85 -3.00
N TRP A 449 11.82 15.70 -3.45
CA TRP A 449 11.58 14.49 -2.65
C TRP A 449 12.15 14.63 -1.27
N TRP A 450 13.44 14.98 -1.21
CA TRP A 450 14.10 15.10 0.09
C TRP A 450 13.53 16.24 0.94
N SER A 451 13.00 17.35 0.33
N SER A 451 13.05 17.32 0.28
CA SER A 451 12.38 18.36 1.16
CA SER A 451 12.41 18.37 1.04
C SER A 451 11.11 17.86 1.85
C SER A 451 11.18 17.83 1.81
N LEU A 452 10.41 16.96 1.15
CA LEU A 452 9.24 16.35 1.72
C LEU A 452 9.63 15.29 2.75
N ARG A 453 10.65 14.50 2.47
CA ARG A 453 11.09 13.49 3.44
C ARG A 453 11.46 14.20 4.74
N LEU A 454 12.14 15.33 4.64
CA LEU A 454 12.47 16.10 5.83
C LEU A 454 11.22 16.69 6.46
N LYS A 455 10.39 17.40 5.68
CA LYS A 455 9.25 18.14 6.24
C LYS A 455 8.27 17.21 6.96
N TYR A 456 7.91 16.09 6.33
CA TYR A 456 6.86 15.23 6.86
C TYR A 456 7.44 14.16 7.78
N GLN A 457 8.52 13.43 7.35
CA GLN A 457 9.05 12.32 8.16
C GLN A 457 10.17 12.72 9.11
N GLY A 458 10.82 13.88 8.95
CA GLY A 458 11.95 14.23 9.74
C GLY A 458 13.12 13.28 9.57
N LEU A 459 13.40 12.97 8.31
CA LEU A 459 14.49 12.11 7.91
C LEU A 459 15.45 12.93 7.04
N CSO A 460 16.72 12.52 7.07
CA CSO A 460 17.77 13.05 6.20
CB CSO A 460 18.72 13.88 7.01
SG CSO A 460 19.55 13.12 8.41
C CSO A 460 18.47 11.92 5.47
O CSO A 460 18.56 10.76 5.93
OD CSO A 460 21.04 12.30 7.71
N PRO A 461 19.09 12.21 4.30
CA PRO A 461 19.81 11.16 3.60
C PRO A 461 21.22 11.03 4.19
N PRO A 462 21.69 9.80 4.44
CA PRO A 462 22.96 9.60 5.14
C PRO A 462 24.17 9.93 4.23
N VAL A 463 23.95 10.00 2.93
CA VAL A 463 24.96 10.37 1.90
C VAL A 463 24.36 11.51 1.10
N PRO A 464 25.02 12.67 0.96
CA PRO A 464 24.46 13.76 0.16
C PRO A 464 24.12 13.31 -1.24
N ARG A 465 22.94 13.68 -1.72
CA ARG A 465 22.55 13.22 -3.03
C ARG A 465 23.30 14.04 -4.10
N THR A 466 23.38 13.49 -5.29
CA THR A 466 24.13 14.15 -6.37
C THR A 466 23.27 14.24 -7.61
N GLN A 467 23.91 14.76 -8.67
N GLN A 467 23.60 15.14 -8.55
CA GLN A 467 23.32 14.85 -9.98
CA GLN A 467 22.82 15.12 -9.79
C GLN A 467 23.04 13.47 -10.52
C GLN A 467 22.92 13.73 -10.41
N GLY A 468 21.81 13.29 -10.99
CA GLY A 468 21.55 11.97 -11.52
C GLY A 468 20.84 11.00 -10.54
N ASP A 469 20.87 11.31 -9.27
CA ASP A 469 20.06 10.52 -8.32
C ASP A 469 18.59 10.75 -8.60
N PHE A 470 17.83 9.65 -8.39
CA PHE A 470 16.38 9.70 -8.52
C PHE A 470 15.85 8.65 -7.54
N ASP A 471 15.91 9.08 -6.29
CA ASP A 471 15.59 8.18 -5.20
C ASP A 471 14.12 7.76 -5.21
N PRO A 472 13.14 8.55 -5.72
CA PRO A 472 11.78 8.00 -5.87
C PRO A 472 11.69 6.76 -6.73
N GLY A 473 12.56 6.67 -7.75
CA GLY A 473 12.60 5.46 -8.58
C GLY A 473 12.96 4.16 -7.87
N ALA A 474 13.52 4.25 -6.64
CA ALA A 474 13.87 3.13 -5.82
C ALA A 474 12.73 2.63 -4.92
N LYS A 475 11.55 3.21 -5.11
CA LYS A 475 10.37 2.75 -4.41
C LYS A 475 9.37 2.20 -5.44
N PHE A 476 8.93 0.94 -5.23
CA PHE A 476 8.21 0.16 -6.27
C PHE A 476 7.13 0.98 -6.96
N HIS A 477 6.27 1.65 -6.19
CA HIS A 477 5.09 2.28 -6.76
C HIS A 477 5.35 3.41 -7.74
N ILE A 478 6.55 3.98 -7.69
CA ILE A 478 6.97 5.04 -8.62
C ILE A 478 7.19 4.49 -10.04
N PRO A 479 8.14 3.58 -10.28
CA PRO A 479 8.23 2.97 -11.63
C PRO A 479 7.02 2.19 -12.03
N SER A 480 6.27 1.60 -11.07
CA SER A 480 5.11 0.79 -11.41
C SER A 480 3.86 1.60 -11.64
N SER A 481 3.90 2.92 -11.39
CA SER A 481 2.76 3.80 -11.62
C SER A 481 1.52 3.33 -10.84
N VAL A 482 1.74 3.11 -9.55
CA VAL A 482 0.66 2.74 -8.61
C VAL A 482 0.43 3.88 -7.66
N PRO A 483 -0.76 4.51 -7.64
CA PRO A 483 -0.99 5.60 -6.71
C PRO A 483 -0.81 5.19 -5.27
N TYR A 484 -0.41 6.18 -4.45
CA TYR A 484 0.00 5.90 -3.08
C TYR A 484 -0.94 6.44 -2.02
N ILE A 485 -1.73 7.48 -2.31
CA ILE A 485 -2.50 8.12 -1.25
C ILE A 485 -3.46 7.07 -0.65
N ARG A 486 -3.91 6.04 -1.41
CA ARG A 486 -4.69 4.95 -0.90
C ARG A 486 -4.16 4.43 0.42
N TYR A 487 -2.82 4.35 0.56
CA TYR A 487 -2.26 3.75 1.75
C TYR A 487 -2.43 4.65 2.96
N PHE A 488 -2.30 5.94 2.79
CA PHE A 488 -2.56 6.93 3.86
C PHE A 488 -4.03 6.79 4.30
N VAL A 489 -4.96 6.82 3.33
CA VAL A 489 -6.37 6.60 3.62
C VAL A 489 -6.56 5.30 4.41
N SER A 490 -6.01 4.21 3.89
CA SER A 490 -6.12 2.92 4.49
C SER A 490 -5.71 2.94 5.96
N PHE A 491 -4.55 3.54 6.26
CA PHE A 491 -4.06 3.48 7.63
C PHE A 491 -4.93 4.27 8.56
N ILE A 492 -5.60 5.32 8.12
CA ILE A 492 -6.57 6.00 8.96
C ILE A 492 -7.83 5.12 9.13
N ILE A 493 -8.43 4.71 8.00
CA ILE A 493 -9.76 4.13 8.04
C ILE A 493 -9.71 2.73 8.62
N GLN A 494 -8.57 2.04 8.58
CA GLN A 494 -8.54 0.67 9.13
C GLN A 494 -8.76 0.69 10.64
N PHE A 495 -8.33 1.75 11.32
CA PHE A 495 -8.61 1.88 12.74
C PHE A 495 -10.09 2.20 12.94
N GLN A 496 -10.70 2.99 12.05
CA GLN A 496 -12.13 3.22 12.21
C GLN A 496 -12.85 1.88 12.06
N PHE A 497 -12.42 1.06 11.12
CA PHE A 497 -13.09 -0.21 10.89
C PHE A 497 -12.88 -1.16 12.07
N HIS A 498 -11.67 -1.18 12.61
CA HIS A 498 -11.39 -2.00 13.79
C HIS A 498 -12.29 -1.51 14.93
N GLU A 499 -12.35 -0.24 15.19
CA GLU A 499 -13.19 0.28 16.28
C GLU A 499 -14.63 -0.21 16.12
N ALA A 500 -15.20 0.00 14.93
CA ALA A 500 -16.60 -0.39 14.67
C ALA A 500 -16.79 -1.88 14.80
N LEU A 501 -15.90 -2.69 14.26
CA LEU A 501 -16.08 -4.12 14.22
C LEU A 501 -15.94 -4.66 15.66
N CYS A 502 -15.02 -4.09 16.43
CA CYS A 502 -14.86 -4.47 17.82
C CYS A 502 -16.16 -4.19 18.56
N GLN A 503 -16.76 -3.04 18.34
CA GLN A 503 -18.04 -2.68 18.95
C GLN A 503 -19.13 -3.66 18.51
N ALA A 504 -19.15 -4.05 17.23
CA ALA A 504 -20.18 -4.96 16.75
C ALA A 504 -20.01 -6.34 17.38
N ALA A 505 -18.77 -6.71 17.70
CA ALA A 505 -18.43 -8.02 18.29
C ALA A 505 -18.58 -8.03 19.81
N GLY A 506 -18.94 -6.89 20.42
CA GLY A 506 -19.15 -6.82 21.86
C GLY A 506 -17.87 -6.70 22.71
N HIS A 507 -16.81 -6.13 22.10
N HIS A 507 -16.75 -6.29 22.12
CA HIS A 507 -15.59 -5.87 22.86
CA HIS A 507 -15.54 -6.14 22.93
C HIS A 507 -15.85 -4.76 23.85
C HIS A 507 -15.69 -4.86 23.76
N THR A 508 -15.27 -4.89 25.03
CA THR A 508 -15.19 -3.74 25.90
C THR A 508 -13.75 -3.67 26.35
N GLY A 509 -13.45 -2.50 26.90
CA GLY A 509 -12.11 -2.21 27.33
C GLY A 509 -11.34 -1.60 26.18
N PRO A 510 -10.03 -1.43 26.40
CA PRO A 510 -9.21 -0.68 25.45
C PRO A 510 -9.23 -1.35 24.08
N LEU A 511 -9.36 -0.47 23.07
CA LEU A 511 -9.50 -0.85 21.67
C LEU A 511 -8.33 -1.76 21.26
N HIS A 512 -7.13 -1.51 21.77
CA HIS A 512 -5.97 -2.28 21.37
C HIS A 512 -5.95 -3.72 21.86
N LYS A 513 -6.85 -4.09 22.83
CA LYS A 513 -6.94 -5.46 23.26
C LYS A 513 -8.01 -6.23 22.51
N CYS A 514 -8.67 -5.57 21.54
CA CYS A 514 -9.68 -6.26 20.73
C CYS A 514 -9.09 -7.30 19.77
N ASP A 515 -9.79 -8.45 19.71
CA ASP A 515 -9.53 -9.49 18.73
C ASP A 515 -10.90 -9.90 18.18
N ILE A 516 -11.13 -9.69 16.87
CA ILE A 516 -12.45 -9.95 16.30
C ILE A 516 -12.55 -11.38 15.75
N TYR A 517 -11.55 -12.26 15.96
CA TYR A 517 -11.58 -13.62 15.48
C TYR A 517 -12.90 -14.35 15.81
N GLN A 518 -13.52 -14.93 14.78
CA GLN A 518 -14.83 -15.61 14.82
C GLN A 518 -16.06 -14.74 15.02
N SER A 519 -15.98 -13.40 14.91
CA SER A 519 -17.14 -12.57 15.03
C SER A 519 -17.94 -12.51 13.74
N LYS A 520 -19.09 -13.19 13.69
CA LYS A 520 -19.95 -13.06 12.52
C LYS A 520 -20.56 -11.67 12.39
N GLU A 521 -20.78 -10.98 13.50
CA GLU A 521 -21.27 -9.62 13.45
C GLU A 521 -20.26 -8.70 12.71
N ALA A 522 -18.98 -8.91 12.98
CA ALA A 522 -17.95 -8.10 12.30
C ALA A 522 -17.90 -8.49 10.83
N GLY A 523 -17.86 -9.80 10.56
CA GLY A 523 -17.86 -10.28 9.18
C GLY A 523 -19.01 -9.65 8.38
N GLN A 524 -20.21 -9.68 8.93
CA GLN A 524 -21.37 -9.19 8.17
C GLN A 524 -21.23 -7.71 7.80
N ARG A 525 -20.75 -6.87 8.72
CA ARG A 525 -20.52 -5.47 8.44
C ARG A 525 -19.59 -5.33 7.23
N LEU A 526 -18.51 -6.10 7.25
CA LEU A 526 -17.51 -5.96 6.20
C LEU A 526 -18.10 -6.43 4.86
N ALA A 527 -18.79 -7.57 4.89
CA ALA A 527 -19.34 -8.11 3.67
C ALA A 527 -20.33 -7.15 3.02
N THR A 528 -21.25 -6.56 3.80
N THR A 528 -21.22 -6.53 3.80
CA THR A 528 -22.25 -5.68 3.19
CA THR A 528 -22.26 -5.68 3.24
C THR A 528 -21.50 -4.60 2.43
C THR A 528 -21.63 -4.46 2.54
N ALA A 529 -20.50 -3.98 3.09
CA ALA A 529 -19.76 -2.91 2.45
C ALA A 529 -19.04 -3.39 1.18
N MET A 530 -18.32 -4.52 1.24
CA MET A 530 -17.50 -4.97 0.11
C MET A 530 -18.41 -5.29 -1.09
N LYS A 531 -19.61 -5.84 -0.83
CA LYS A 531 -20.51 -6.13 -1.91
C LYS A 531 -20.93 -4.92 -2.71
N LEU A 532 -20.88 -3.74 -2.15
CA LEU A 532 -21.24 -2.51 -2.85
C LEU A 532 -20.26 -2.25 -4.01
N GLY A 533 -19.02 -2.76 -3.90
CA GLY A 533 -18.01 -2.42 -4.92
C GLY A 533 -17.92 -0.93 -5.03
N PHE A 534 -17.91 -0.46 -6.28
CA PHE A 534 -17.90 0.95 -6.62
C PHE A 534 -19.30 1.45 -7.00
N SER A 535 -20.35 0.78 -6.53
CA SER A 535 -21.69 1.15 -7.01
C SER A 535 -22.23 2.46 -6.42
N ARG A 536 -21.76 2.86 -5.23
CA ARG A 536 -22.27 3.98 -4.44
C ARG A 536 -21.16 4.90 -3.97
N PRO A 537 -21.42 6.18 -3.71
CA PRO A 537 -20.41 7.05 -3.10
C PRO A 537 -19.80 6.37 -1.88
N TRP A 538 -18.46 6.53 -1.72
CA TRP A 538 -17.81 5.80 -0.63
C TRP A 538 -18.39 6.11 0.75
N PRO A 539 -18.88 7.30 1.08
CA PRO A 539 -19.44 7.48 2.42
C PRO A 539 -20.53 6.50 2.79
N GLU A 540 -21.24 5.93 1.80
CA GLU A 540 -22.23 4.90 2.12
C GLU A 540 -21.59 3.62 2.68
N ALA A 541 -20.50 3.13 2.07
CA ALA A 541 -19.73 2.02 2.62
C ALA A 541 -19.16 2.39 4.01
N MET A 542 -18.66 3.60 4.17
CA MET A 542 -18.17 4.05 5.45
C MET A 542 -19.30 3.97 6.51
N GLN A 543 -20.53 4.34 6.12
CA GLN A 543 -21.68 4.33 7.06
C GLN A 543 -22.08 2.92 7.41
N LEU A 544 -22.02 1.99 6.46
CA LEU A 544 -22.37 0.60 6.68
C LEU A 544 -21.45 -0.03 7.73
N ILE A 545 -20.15 0.30 7.66
CA ILE A 545 -19.22 -0.28 8.58
C ILE A 545 -19.28 0.43 9.94
N THR A 546 -19.27 1.76 9.95
CA THR A 546 -18.91 2.52 11.13
C THR A 546 -20.12 3.19 11.80
N GLY A 547 -21.24 3.26 11.05
CA GLY A 547 -22.42 4.00 11.48
C GLY A 547 -22.37 5.52 11.27
N GLN A 548 -21.37 6.03 10.53
CA GLN A 548 -21.23 7.43 10.25
C GLN A 548 -20.42 7.55 8.95
N PRO A 549 -20.44 8.69 8.25
CA PRO A 549 -19.91 8.74 6.89
C PRO A 549 -18.51 9.29 6.62
N GLN A 550 -17.81 9.78 7.66
N GLN A 550 -17.82 9.83 7.64
CA GLN A 550 -16.59 10.55 7.54
CA GLN A 550 -16.58 10.56 7.42
C GLN A 550 -15.35 9.67 7.71
C GLN A 550 -15.36 9.69 7.70
N MET A 551 -14.24 10.08 7.09
CA MET A 551 -12.90 9.64 7.53
C MET A 551 -12.59 10.43 8.80
N SER A 552 -11.97 9.77 9.75
CA SER A 552 -11.65 10.37 11.05
C SER A 552 -10.46 9.64 11.65
N ALA A 553 -9.57 10.45 12.21
CA ALA A 553 -8.41 9.92 12.94
C ALA A 553 -8.75 9.53 14.37
N SER A 554 -10.00 9.73 14.86
N SER A 554 -10.01 9.76 14.81
CA SER A 554 -10.24 9.50 16.30
CA SER A 554 -10.32 9.55 16.22
C SER A 554 -10.01 8.05 16.73
C SER A 554 -10.00 8.13 16.67
N ALA A 555 -10.37 7.10 15.86
CA ALA A 555 -10.18 5.71 16.20
C ALA A 555 -8.69 5.37 16.36
N MET A 556 -7.86 5.82 15.41
CA MET A 556 -6.41 5.58 15.52
C MET A 556 -5.88 6.26 16.78
N LEU A 557 -6.33 7.47 17.07
CA LEU A 557 -5.85 8.19 18.26
C LEU A 557 -6.29 7.43 19.53
N SER A 558 -7.54 7.00 19.53
N SER A 558 -7.47 6.82 19.54
CA SER A 558 -8.07 6.23 20.66
CA SER A 558 -7.96 6.15 20.77
C SER A 558 -7.20 5.01 20.92
C SER A 558 -7.24 4.81 20.96
N TYR A 559 -6.91 4.19 19.87
CA TYR A 559 -6.13 2.98 19.92
C TYR A 559 -4.78 3.25 20.64
N PHE A 560 -4.17 4.36 20.23
CA PHE A 560 -2.78 4.63 20.66
C PHE A 560 -2.70 5.56 21.88
N LYS A 561 -3.82 6.02 22.47
CA LYS A 561 -3.79 6.98 23.54
C LYS A 561 -2.87 6.54 24.69
N PRO A 562 -2.88 5.29 25.17
CA PRO A 562 -1.98 4.91 26.27
C PRO A 562 -0.51 5.09 25.90
N LEU A 563 -0.20 4.90 24.60
CA LEU A 563 1.16 5.13 24.17
C LEU A 563 1.48 6.60 24.05
N LEU A 564 0.52 7.41 23.56
CA LEU A 564 0.74 8.85 23.52
C LEU A 564 1.14 9.34 24.94
N ASP A 565 0.37 8.90 25.93
CA ASP A 565 0.61 9.37 27.29
C ASP A 565 1.99 8.93 27.74
N TRP A 566 2.31 7.67 27.49
CA TRP A 566 3.59 7.09 27.90
C TRP A 566 4.77 7.83 27.23
N LEU A 567 4.66 8.09 25.90
CA LEU A 567 5.68 8.81 25.17
C LEU A 567 5.90 10.22 25.69
N ARG A 568 4.81 10.93 25.97
CA ARG A 568 4.90 12.30 26.43
C ARG A 568 5.67 12.30 27.76
N THR A 569 5.35 11.35 28.63
CA THR A 569 5.98 11.33 29.97
C THR A 569 7.46 11.00 29.81
N GLU A 570 7.78 10.02 28.94
CA GLU A 570 9.16 9.59 28.69
C GLU A 570 9.96 10.73 28.06
N ASN A 571 9.41 11.39 27.01
CA ASN A 571 10.18 12.39 26.29
C ASN A 571 10.41 13.60 27.20
N GLU A 572 9.41 13.94 28.01
CA GLU A 572 9.57 15.04 28.96
C GLU A 572 10.67 14.77 29.99
N LEU A 573 10.68 13.54 30.48
N LEU A 573 10.67 13.55 30.53
CA LEU A 573 11.66 13.06 31.48
CA LEU A 573 11.72 13.06 31.44
C LEU A 573 13.08 13.23 30.97
C LEU A 573 13.07 13.48 30.90
N HIS A 574 13.30 13.08 29.63
CA HIS A 574 14.60 13.20 29.04
C HIS A 574 14.83 14.56 28.42
N GLY A 575 13.87 15.47 28.39
CA GLY A 575 14.06 16.79 27.87
C GLY A 575 14.11 16.83 26.35
N GLU A 576 13.31 16.02 25.70
CA GLU A 576 13.45 16.00 24.25
C GLU A 576 12.84 17.26 23.66
N LYS A 577 13.40 17.71 22.56
CA LYS A 577 12.89 18.81 21.78
C LYS A 577 12.23 18.16 20.57
N LEU A 578 10.90 18.09 20.56
CA LEU A 578 10.20 17.45 19.45
C LEU A 578 10.48 18.18 18.15
N GLY A 579 10.45 17.44 17.06
CA GLY A 579 10.66 18.03 15.76
C GLY A 579 12.12 18.26 15.38
N TRP A 580 12.35 19.10 14.37
CA TRP A 580 13.65 19.28 13.75
C TRP A 580 13.57 20.58 12.94
N PRO A 581 14.66 21.14 12.41
CA PRO A 581 14.57 22.46 11.73
C PRO A 581 13.91 22.53 10.32
C1 NAG B . -31.12 0.79 -12.66
C2 NAG B . -32.29 0.27 -11.80
C3 NAG B . -31.78 -0.77 -10.80
C4 NAG B . -30.95 -1.84 -11.49
C5 NAG B . -29.89 -1.18 -12.36
C6 NAG B . -29.06 -2.21 -13.13
C7 NAG B . -34.24 1.65 -11.16
C8 NAG B . -34.72 2.93 -10.52
N2 NAG B . -32.93 1.36 -11.08
O3 NAG B . -32.82 -1.38 -10.08
O4 NAG B . -30.34 -2.57 -10.43
O5 NAG B . -30.47 -0.29 -13.33
O6 NAG B . -29.91 -3.19 -13.78
O7 NAG B . -35.01 0.90 -11.71
C1 NAG B . -30.49 -3.95 -10.37
C2 NAG B . -29.44 -4.70 -9.54
C3 NAG B . -29.83 -6.16 -9.31
C4 NAG B . -31.23 -6.30 -8.76
C5 NAG B . -32.20 -5.51 -9.62
C6 NAG B . -33.59 -5.43 -9.02
C7 NAG B . -27.17 -4.01 -10.09
C8 NAG B . -25.99 -4.35 -10.94
N2 NAG B . -28.21 -4.80 -10.28
O3 NAG B . -28.92 -6.86 -8.47
O4 NAG B . -31.56 -7.70 -8.79
O5 NAG B . -31.77 -4.14 -9.80
O6 NAG B . -34.54 -5.17 -10.06
O7 NAG B . -27.21 -3.10 -9.27
C1 BMA B . -31.20 -8.61 -7.80
C2 BMA B . -32.44 -9.14 -7.08
C3 BMA B . -32.13 -10.31 -6.14
C4 BMA B . -31.31 -11.32 -6.90
C5 BMA B . -30.04 -10.62 -7.37
C6 BMA B . -28.99 -11.55 -7.92
O2 BMA B . -33.42 -9.57 -8.02
O3 BMA B . -33.33 -10.94 -5.65
O4 BMA B . -31.02 -12.47 -6.12
O5 BMA B . -30.46 -9.68 -8.39
O6 BMA B . -29.31 -12.05 -9.23
C1 MAN B . -33.37 -11.32 -4.30
C2 MAN B . -33.42 -12.84 -4.08
C3 MAN B . -34.33 -13.24 -2.86
C4 MAN B . -35.74 -12.76 -3.16
C5 MAN B . -35.73 -11.53 -4.07
C6 MAN B . -36.94 -10.66 -3.89
O2 MAN B . -32.13 -13.42 -3.94
O3 MAN B . -33.85 -12.73 -1.60
O4 MAN B . -36.43 -13.81 -3.83
O5 MAN B . -34.56 -10.72 -3.80
O6 MAN B . -37.97 -11.18 -4.70
C1 FUC B . -29.22 -4.33 -14.25
C2 FUC B . -30.31 -5.27 -14.79
C3 FUC B . -31.03 -4.60 -15.90
C4 FUC B . -30.06 -4.24 -17.01
C5 FUC B . -28.96 -3.32 -16.43
C6 FUC B . -27.91 -3.01 -17.47
O2 FUC B . -31.22 -5.62 -13.75
O3 FUC B . -32.01 -5.46 -16.46
O4 FUC B . -29.49 -5.42 -17.62
O5 FUC B . -28.32 -3.95 -15.29
C1 NAG C . 8.64 -18.96 -18.95
C2 NAG C . 8.04 -20.35 -18.92
C3 NAG C . 8.55 -21.20 -20.08
C4 NAG C . 8.40 -20.43 -21.40
C5 NAG C . 9.13 -19.09 -21.26
C6 NAG C . 9.11 -18.23 -22.51
C7 NAG C . 7.33 -21.20 -16.71
C8 NAG C . 7.79 -21.76 -15.39
N2 NAG C . 8.29 -20.90 -17.60
O3 NAG C . 7.83 -22.43 -20.09
O4 NAG C . 8.95 -21.15 -22.51
O5 NAG C . 8.46 -18.34 -20.23
O6 NAG C . 7.76 -17.85 -22.78
O7 NAG C . 6.14 -21.04 -16.97
N1 IMD D . 24.48 9.71 -4.75
C2 IMD D . 24.93 8.64 -5.47
N3 IMD D . 26.09 8.28 -4.93
C4 IMD D . 26.34 9.08 -3.85
C5 IMD D . 25.33 9.94 -3.72
C1 EDO E . 24.46 -7.35 7.09
O1 EDO E . 23.40 -8.31 7.07
C2 EDO E . 25.54 -7.52 6.11
O2 EDO E . 25.39 -6.78 4.91
CAK X92 F . -0.97 -2.39 -7.66
CAI X92 F . -1.02 -2.51 -9.05
CAG X92 F . -0.13 -3.30 -9.71
CAH X92 F . 0.88 -3.93 -9.03
CAJ X92 F . 0.92 -3.80 -7.64
CAV X92 F . -0.01 -3.10 -6.95
CAM X92 F . 0.04 -2.93 -5.44
CAP X92 F . 0.92 -3.90 -4.68
CAX X92 F . 0.93 -3.53 -3.19
CAS X92 F . -0.45 -3.82 -2.60
OAE X92 F . -1.23 -2.81 -2.27
OAB X92 F . -0.89 -5.02 -2.37
N X92 F . 1.93 -4.37 -2.50
CA X92 F . 2.02 -4.14 -1.04
CB X92 F . 3.03 -5.09 -0.47
C X92 F . 2.44 -2.74 -0.70
O X92 F . 3.16 -2.12 -1.51
NBB X92 F . 2.02 -2.21 0.44
CBA X92 F . 1.03 -2.69 1.40
CAO X92 F . 1.48 -3.85 2.32
CAL X92 F . 0.85 -3.51 3.65
CAN X92 F . 0.47 -2.09 3.72
CAY X92 F . 0.81 -1.47 2.33
CAQ X92 F . 2.06 -0.62 2.18
CAZ X92 F . 2.55 -0.87 0.76
CAT X92 F . 4.05 -0.74 0.67
OAF X92 F . 4.54 0.31 0.21
OAC X92 F . 4.74 -1.72 1.12
C1 PGE G . -22.38 -8.90 -14.42
O1 PGE G . -20.97 -8.97 -14.60
C2 PGE G . -22.93 -10.14 -13.79
O2 PGE G . -24.25 -9.89 -13.30
C3 PGE G . -25.10 -11.01 -13.50
C4 PGE G . -26.30 -10.93 -12.61
O4 PGE G . -26.47 -10.35 -8.40
C6 PGE G . -26.56 -10.46 -9.82
C5 PGE G . -25.76 -11.62 -10.37
O3 PGE G . -26.27 -12.00 -11.65
C1 EDO H . -23.62 9.41 2.07
O1 EDO H . -23.16 10.44 2.97
C2 EDO H . -23.10 9.39 0.61
O2 EDO H . -22.28 10.50 0.09
B BO3 I . -5.32 -4.51 -6.51
O1 BO3 I . -6.64 -4.32 -6.29
O2 BO3 I . -4.92 -5.19 -7.63
O3 BO3 I . -4.36 -4.03 -5.68
B BO3 J . -7.18 9.23 -16.72
O1 BO3 J . -8.03 8.76 -15.78
O2 BO3 J . -7.55 9.23 -18.00
O3 BO3 J . -5.90 9.62 -16.45
CL CL K . -5.29 6.07 -4.65
CL CL L . 14.56 7.64 -0.49
ZN ZN M . -2.79 -3.48 -1.30
#